data_9SFA
#
_entry.id   9SFA
#
_cell.length_a   86.912
_cell.length_b   100.016
_cell.length_c   198.918
_cell.angle_alpha   90.00
_cell.angle_beta   90.00
_cell.angle_gamma   90.00
#
_symmetry.space_group_name_H-M   'C 2 2 21'
#
_entity_poly.entity_id   1
_entity_poly.type   'polypeptide(L)'
_entity_poly.pdbx_seq_one_letter_code
;MSVKTFKKGEVIYKDGDKITAVYLIQSGGANQCLIRGKKTIDLFQLGSSHILGDQVILGQATHPTSAVATTETKVLEIPV
ETLKQQYEGAPQMLKVIIKSLADRLRLAMNDVRSSKMEKDSSPCPEDQVAKVYGAVFHTANHKGDRSQAGRVIVDWNMMK
QYCQRVMGDSPKRIEQAINILVKLKLALYEMGKDPTNPDGPEEIQKVHFLDLGLVESFFEFYQYYYFKGGRSDLLKVDEL
CMQMLGAILKLSENEQPDRFGIVGVDFAKFSEFCKEEIGINLNNDHFARLEGKGVFMKRKNAGSGVVLQFEVKEFRSILQ
SWKMLREIEKWNEKGFVDMDEKEEKPKKKSSGPSCPACSVEVQAGAKFCHECGHKMTAAAHHHHHH
;
_entity_poly.pdbx_strand_id   A,B
#
# COMPACT_ATOMS: atom_id res chain seq x y z
N SER A 2 19.19 4.53 -41.63
CA SER A 2 18.65 3.18 -41.78
C SER A 2 17.28 3.08 -41.13
N VAL A 3 16.40 2.30 -41.74
CA VAL A 3 15.02 2.16 -41.28
C VAL A 3 14.72 0.67 -41.15
N LYS A 4 14.28 0.25 -39.98
CA LYS A 4 13.90 -1.14 -39.72
C LYS A 4 12.39 -1.29 -39.80
N THR A 5 11.95 -2.37 -40.46
CA THR A 5 10.54 -2.63 -40.71
C THR A 5 10.16 -3.94 -40.02
N PHE A 6 9.39 -3.84 -38.96
CA PHE A 6 8.92 -4.99 -38.20
C PHE A 6 7.54 -5.41 -38.67
N LYS A 7 7.32 -6.72 -38.72
CA LYS A 7 6.00 -7.26 -39.01
C LYS A 7 5.18 -7.35 -37.74
N LYS A 8 3.87 -7.53 -37.92
CA LYS A 8 2.94 -7.63 -36.79
C LYS A 8 3.31 -8.81 -35.90
N GLY A 9 3.79 -8.52 -34.70
CA GLY A 9 4.19 -9.53 -33.74
C GLY A 9 5.67 -9.52 -33.41
N GLU A 10 6.50 -8.91 -34.24
CA GLU A 10 7.94 -8.96 -34.03
C GLU A 10 8.32 -8.21 -32.75
N VAL A 11 9.28 -8.77 -32.02
CA VAL A 11 9.75 -8.17 -30.78
C VAL A 11 10.85 -7.18 -31.11
N ILE A 12 10.56 -5.89 -30.91
CA ILE A 12 11.57 -4.86 -31.13
C ILE A 12 12.68 -4.97 -30.09
N TYR A 13 12.32 -5.25 -28.84
CA TYR A 13 13.30 -5.53 -27.79
C TYR A 13 12.58 -6.18 -26.63
N LYS A 14 13.35 -6.86 -25.78
CA LYS A 14 12.82 -7.51 -24.59
C LYS A 14 13.28 -6.76 -23.35
N ASP A 15 12.50 -6.87 -22.28
CA ASP A 15 12.86 -6.22 -21.03
C ASP A 15 14.14 -6.84 -20.48
N GLY A 16 15.02 -5.98 -19.97
CA GLY A 16 16.32 -6.39 -19.50
C GLY A 16 17.44 -6.21 -20.51
N ASP A 17 17.11 -6.11 -21.80
CA ASP A 17 18.12 -5.90 -22.82
C ASP A 17 18.70 -4.49 -22.71
N LYS A 18 20.03 -4.40 -22.70
CA LYS A 18 20.69 -3.10 -22.69
C LYS A 18 20.34 -2.34 -23.97
N ILE A 19 19.95 -1.07 -23.81
CA ILE A 19 19.60 -0.23 -24.95
C ILE A 19 20.91 -0.09 -25.72
N THR A 20 20.97 -0.72 -26.89
CA THR A 20 22.04 -0.49 -27.85
C THR A 20 21.63 0.47 -28.95
N ALA A 21 20.33 0.64 -29.18
CA ALA A 21 19.85 1.55 -30.20
C ALA A 21 18.56 2.20 -29.71
N VAL A 22 18.18 3.29 -30.39
CA VAL A 22 16.98 4.05 -30.07
C VAL A 22 16.20 4.22 -31.37
N TYR A 23 14.93 3.82 -31.35
CA TYR A 23 14.11 3.76 -32.56
C TYR A 23 13.06 4.85 -32.56
N LEU A 24 13.01 5.63 -33.64
CA LEU A 24 12.02 6.68 -33.83
C LEU A 24 10.90 6.12 -34.70
N ILE A 25 9.73 5.90 -34.09
CA ILE A 25 8.60 5.29 -34.80
C ILE A 25 8.15 6.22 -35.92
N GLN A 26 8.47 5.87 -37.17
CA GLN A 26 8.02 6.65 -38.30
C GLN A 26 6.60 6.25 -38.73
N SER A 27 6.25 4.98 -38.57
CA SER A 27 4.90 4.54 -38.91
C SER A 27 4.62 3.25 -38.17
N GLY A 28 3.34 3.01 -37.90
CA GLY A 28 2.94 1.78 -37.24
C GLY A 28 2.60 2.00 -35.78
N GLY A 29 2.93 1.02 -34.94
CA GLY A 29 2.63 1.09 -33.53
C GLY A 29 3.36 0.01 -32.77
N ALA A 30 3.77 0.31 -31.55
CA ALA A 30 4.48 -0.68 -30.78
C ALA A 30 3.89 -0.81 -29.41
N ASN A 31 3.41 -2.00 -29.09
CA ASN A 31 2.85 -2.23 -27.80
C ASN A 31 3.94 -2.47 -26.80
N GLN A 32 3.88 -1.81 -25.66
CA GLN A 32 4.87 -1.98 -24.63
C GLN A 32 4.27 -2.87 -23.60
N CYS A 33 4.88 -4.01 -23.33
CA CYS A 33 4.32 -4.94 -22.36
C CYS A 33 5.35 -5.77 -21.64
N LEU A 34 4.87 -6.77 -20.93
CA LEU A 34 5.75 -7.65 -20.15
C LEU A 34 5.42 -9.09 -20.49
N ILE A 35 6.21 -9.69 -21.37
CA ILE A 35 6.01 -11.07 -21.80
C ILE A 35 6.61 -12.00 -20.74
N ARG A 36 5.74 -12.79 -20.11
CA ARG A 36 6.17 -13.80 -19.13
C ARG A 36 5.43 -15.09 -19.44
N GLY A 37 5.99 -15.89 -20.34
CA GLY A 37 5.39 -17.14 -20.73
C GLY A 37 4.10 -16.98 -21.51
N LYS A 38 3.00 -17.49 -20.94
CA LYS A 38 1.68 -17.35 -21.55
C LYS A 38 1.01 -16.04 -21.20
N LYS A 39 1.33 -15.44 -20.06
CA LYS A 39 0.69 -14.21 -19.62
C LYS A 39 1.39 -13.01 -20.24
N THR A 40 0.60 -12.09 -20.80
CA THR A 40 1.11 -10.88 -21.44
C THR A 40 0.39 -9.68 -20.86
N ILE A 41 1.13 -8.82 -20.17
CA ILE A 41 0.58 -7.65 -19.50
C ILE A 41 0.81 -6.45 -20.41
N ASP A 42 -0.22 -6.05 -21.14
CA ASP A 42 -0.14 -4.90 -22.04
C ASP A 42 -0.11 -3.63 -21.21
N LEU A 43 0.92 -2.81 -21.39
CA LEU A 43 1.02 -1.58 -20.62
C LEU A 43 0.56 -0.31 -21.33
N PHE A 44 1.31 0.09 -22.35
CA PHE A 44 1.03 1.32 -23.09
C PHE A 44 1.41 1.12 -24.57
N GLN A 45 0.72 1.80 -25.49
CA GLN A 45 1.00 1.66 -26.90
C GLN A 45 1.39 3.01 -27.51
N LEU A 46 2.50 3.01 -28.26
CA LEU A 46 2.99 4.21 -28.88
C LEU A 46 3.03 4.11 -30.38
N GLY A 47 2.37 5.03 -31.05
CA GLY A 47 2.36 5.09 -32.51
C GLY A 47 3.49 5.93 -33.04
N SER A 48 3.23 6.57 -34.18
CA SER A 48 4.23 7.39 -34.85
C SER A 48 4.61 8.60 -34.01
N SER A 49 5.76 9.19 -34.34
CA SER A 49 6.30 10.41 -33.75
C SER A 49 6.65 10.21 -32.28
N HIS A 50 6.90 8.98 -31.85
CA HIS A 50 7.45 8.69 -30.53
C HIS A 50 8.83 8.05 -30.68
N ILE A 51 9.66 8.20 -29.65
CA ILE A 51 11.00 7.64 -29.63
C ILE A 51 11.06 6.55 -28.57
N LEU A 52 11.39 5.33 -28.99
CA LEU A 52 11.57 4.20 -28.09
C LEU A 52 13.04 4.10 -27.70
N GLY A 53 13.31 4.13 -26.40
CA GLY A 53 14.67 4.15 -25.89
C GLY A 53 15.13 5.50 -25.39
N ASP A 54 14.25 6.49 -25.33
CA ASP A 54 14.62 7.82 -24.84
C ASP A 54 14.94 7.82 -23.35
N GLN A 55 14.60 6.76 -22.61
CA GLN A 55 14.91 6.67 -21.20
C GLN A 55 16.41 6.61 -20.92
N VAL A 56 17.23 6.34 -21.94
CA VAL A 56 18.68 6.29 -21.75
C VAL A 56 19.24 7.68 -21.42
N ILE A 57 18.49 8.74 -21.73
CA ILE A 57 18.89 10.09 -21.33
C ILE A 57 19.15 10.15 -19.84
N LEU A 58 18.16 9.75 -19.05
CA LEU A 58 18.21 9.79 -17.60
C LEU A 58 18.95 8.60 -17.00
N GLY A 59 19.57 7.76 -17.83
CA GLY A 59 20.38 6.67 -17.33
C GLY A 59 19.61 5.44 -16.93
N GLN A 60 18.76 4.93 -17.83
CA GLN A 60 18.09 3.66 -17.58
C GLN A 60 19.00 2.49 -17.93
N ALA A 61 19.57 2.51 -19.13
CA ALA A 61 20.58 1.56 -19.60
C ALA A 61 20.09 0.12 -19.77
N THR A 62 18.86 -0.19 -19.32
CA THR A 62 18.17 -1.42 -19.64
C THR A 62 16.70 -1.13 -19.93
N HIS A 63 16.13 -1.85 -20.89
CA HIS A 63 14.74 -1.65 -21.27
C HIS A 63 13.81 -2.03 -20.14
N PRO A 64 12.94 -1.11 -19.71
CA PRO A 64 11.99 -1.35 -18.61
C PRO A 64 10.92 -2.35 -19.01
N THR A 65 10.52 -2.32 -20.28
CA THR A 65 9.48 -3.24 -20.77
C THR A 65 9.82 -3.71 -22.19
N SER A 66 9.22 -4.83 -22.58
CA SER A 66 9.35 -5.33 -23.95
C SER A 66 8.46 -4.52 -24.89
N ALA A 67 8.78 -4.56 -26.18
CA ALA A 67 8.02 -3.83 -27.18
C ALA A 67 7.76 -4.74 -28.37
N VAL A 68 6.49 -4.91 -28.73
CA VAL A 68 6.11 -5.75 -29.86
C VAL A 68 5.36 -4.89 -30.86
N ALA A 69 5.64 -5.07 -32.15
CA ALA A 69 4.92 -4.32 -33.16
C ALA A 69 3.50 -4.84 -33.27
N THR A 70 2.52 -3.93 -33.32
CA THR A 70 1.13 -4.31 -33.42
C THR A 70 0.62 -4.32 -34.85
N THR A 71 1.28 -3.60 -35.75
CA THR A 71 1.04 -3.65 -37.19
C THR A 71 2.41 -3.56 -37.85
N GLU A 72 2.42 -3.55 -39.19
CA GLU A 72 3.68 -3.28 -39.88
C GLU A 72 4.20 -1.93 -39.46
N THR A 73 5.42 -1.91 -38.94
CA THR A 73 5.96 -0.76 -38.21
C THR A 73 7.33 -0.40 -38.76
N LYS A 74 7.49 0.84 -39.22
CA LYS A 74 8.77 1.33 -39.71
C LYS A 74 9.34 2.33 -38.71
N VAL A 75 10.60 2.11 -38.30
CA VAL A 75 11.27 2.93 -37.31
C VAL A 75 12.65 3.33 -37.82
N LEU A 76 13.09 4.52 -37.42
CA LEU A 76 14.42 5.02 -37.75
C LEU A 76 15.38 4.67 -36.62
N GLU A 77 16.49 4.02 -36.96
CA GLU A 77 17.48 3.64 -35.95
C GLU A 77 18.39 4.83 -35.67
N ILE A 78 18.47 5.21 -34.39
CA ILE A 78 19.26 6.34 -33.95
C ILE A 78 20.29 5.81 -32.94
N PRO A 79 21.57 6.10 -33.12
CA PRO A 79 22.57 5.62 -32.15
C PRO A 79 22.37 6.24 -30.78
N VAL A 80 22.67 5.45 -29.74
CA VAL A 80 22.46 5.89 -28.37
C VAL A 80 23.37 7.08 -28.04
N GLU A 81 24.65 6.97 -28.41
CA GLU A 81 25.60 8.02 -28.09
C GLU A 81 25.26 9.32 -28.83
N THR A 82 24.69 9.23 -30.03
CA THR A 82 24.20 10.41 -30.71
C THR A 82 23.23 11.19 -29.83
N LEU A 83 22.19 10.52 -29.34
CA LEU A 83 21.19 11.20 -28.52
C LEU A 83 21.75 11.64 -27.17
N LYS A 84 22.62 10.81 -26.57
CA LYS A 84 23.19 11.18 -25.28
C LYS A 84 24.04 12.46 -25.39
N GLN A 85 24.86 12.56 -26.43
CA GLN A 85 25.65 13.77 -26.64
C GLN A 85 24.77 14.95 -27.06
N GLN A 86 23.69 14.69 -27.80
CA GLN A 86 22.78 15.78 -28.16
C GLN A 86 22.06 16.32 -26.93
N TYR A 87 21.84 15.48 -25.92
CA TYR A 87 21.19 15.94 -24.69
C TYR A 87 22.17 16.62 -23.74
N GLU A 88 23.35 16.02 -23.55
CA GLU A 88 24.32 16.60 -22.63
C GLU A 88 24.79 17.98 -23.05
N GLY A 89 24.69 18.30 -24.34
CA GLY A 89 25.04 19.61 -24.86
C GLY A 89 23.89 20.58 -25.01
N ALA A 90 22.72 20.21 -24.53
CA ALA A 90 21.51 21.02 -24.58
C ALA A 90 21.49 22.01 -23.42
N PRO A 91 20.73 23.10 -23.55
CA PRO A 91 20.63 24.05 -22.44
C PRO A 91 20.07 23.41 -21.18
N GLN A 92 20.48 23.95 -20.03
CA GLN A 92 20.07 23.40 -18.75
C GLN A 92 18.56 23.53 -18.54
N MET A 93 17.94 24.55 -19.14
CA MET A 93 16.49 24.70 -19.06
C MET A 93 15.79 23.49 -19.68
N LEU A 94 16.22 23.09 -20.87
CA LEU A 94 15.65 21.91 -21.51
C LEU A 94 15.92 20.66 -20.69
N LYS A 95 17.07 20.59 -20.01
CA LYS A 95 17.38 19.44 -19.18
C LYS A 95 16.40 19.33 -18.00
N VAL A 96 16.16 20.44 -17.29
CA VAL A 96 15.24 20.35 -16.17
C VAL A 96 13.81 20.12 -16.66
N ILE A 97 13.46 20.68 -17.82
CA ILE A 97 12.14 20.41 -18.41
C ILE A 97 11.98 18.92 -18.66
N ILE A 98 12.98 18.30 -19.28
CA ILE A 98 12.89 16.88 -19.60
C ILE A 98 12.82 16.04 -18.33
N LYS A 99 13.68 16.35 -17.36
CA LYS A 99 13.68 15.59 -16.11
C LYS A 99 12.32 15.67 -15.41
N SER A 100 11.78 16.89 -15.28
CA SER A 100 10.48 17.04 -14.63
C SER A 100 9.38 16.33 -15.41
N LEU A 101 9.38 16.46 -16.74
CA LEU A 101 8.39 15.79 -17.56
C LEU A 101 8.44 14.28 -17.38
N ALA A 102 9.64 13.71 -17.44
CA ALA A 102 9.76 12.25 -17.37
C ALA A 102 9.43 11.74 -15.97
N ASP A 103 9.80 12.49 -14.94
CA ASP A 103 9.45 12.09 -13.58
C ASP A 103 7.94 12.14 -13.36
N ARG A 104 7.29 13.20 -13.85
CA ARG A 104 5.85 13.29 -13.72
C ARG A 104 5.15 12.19 -14.52
N LEU A 105 5.71 11.86 -15.68
CA LEU A 105 5.18 10.75 -16.48
C LEU A 105 5.31 9.44 -15.73
N ARG A 106 6.44 9.22 -15.05
CA ARG A 106 6.61 8.01 -14.26
C ARG A 106 5.59 7.95 -13.12
N LEU A 107 5.34 9.07 -12.50
CA LEU A 107 4.39 9.10 -11.43
C LEU A 107 3.00 8.77 -11.92
N ALA A 108 2.60 9.37 -13.02
CA ALA A 108 1.27 9.11 -13.55
C ALA A 108 1.14 7.69 -14.09
N MET A 109 2.21 7.15 -14.69
CA MET A 109 2.20 5.76 -15.14
C MET A 109 2.02 4.81 -13.97
N ASN A 110 2.71 5.08 -12.86
CA ASN A 110 2.55 4.23 -11.69
C ASN A 110 1.14 4.37 -11.11
N ASP A 111 0.57 5.57 -11.14
CA ASP A 111 -0.79 5.73 -10.64
C ASP A 111 -1.81 5.02 -11.53
N VAL A 112 -1.53 4.92 -12.83
CA VAL A 112 -2.43 4.22 -13.74
C VAL A 112 -2.30 2.71 -13.55
N ARG A 113 -1.07 2.20 -13.56
CA ARG A 113 -0.84 0.77 -13.36
C ARG A 113 -1.31 0.31 -11.99
N SER A 114 -1.25 1.19 -10.99
CA SER A 114 -1.68 0.85 -9.64
C SER A 114 -3.19 0.72 -9.56
N SER A 115 -3.92 1.69 -10.12
CA SER A 115 -5.37 1.65 -10.10
C SER A 115 -5.95 0.65 -11.09
N LYS A 116 -5.13 0.10 -11.98
CA LYS A 116 -5.61 -0.94 -12.88
C LYS A 116 -5.59 -2.31 -12.20
N MET A 117 -4.57 -2.57 -11.38
CA MET A 117 -4.49 -3.83 -10.66
C MET A 117 -5.61 -3.98 -9.64
N GLU A 118 -6.25 -2.89 -9.23
CA GLU A 118 -7.42 -2.98 -8.38
C GLU A 118 -8.59 -3.67 -9.09
N LYS A 119 -8.61 -3.62 -10.42
CA LYS A 119 -9.66 -4.26 -11.20
C LYS A 119 -9.39 -5.75 -11.44
N ASP A 120 -8.33 -6.30 -10.87
CA ASP A 120 -7.98 -7.70 -11.08
C ASP A 120 -9.08 -8.61 -10.54
N SER A 121 -9.52 -9.55 -11.36
CA SER A 121 -10.60 -10.46 -11.00
C SER A 121 -10.12 -11.89 -10.75
N SER A 122 -8.80 -12.13 -10.80
CA SER A 122 -8.27 -13.47 -10.58
C SER A 122 -8.49 -13.89 -9.12
N PRO A 123 -8.45 -15.20 -8.84
CA PRO A 123 -8.75 -15.65 -7.46
C PRO A 123 -7.87 -15.00 -6.41
N CYS A 124 -6.55 -15.04 -6.59
CA CYS A 124 -5.61 -14.43 -5.65
C CYS A 124 -4.60 -13.63 -6.45
N PRO A 125 -4.84 -12.34 -6.65
CA PRO A 125 -3.88 -11.50 -7.38
C PRO A 125 -2.52 -11.51 -6.70
N GLU A 126 -1.50 -11.20 -7.49
CA GLU A 126 -0.13 -11.22 -6.98
C GLU A 126 0.03 -10.22 -5.84
N ASP A 127 -0.23 -8.94 -6.11
CA ASP A 127 -0.07 -7.88 -5.12
C ASP A 127 -0.95 -8.06 -3.88
N GLN A 128 -1.86 -9.04 -3.88
CA GLN A 128 -2.69 -9.32 -2.71
C GLN A 128 -2.20 -10.47 -1.85
N VAL A 129 -1.23 -11.27 -2.35
CA VAL A 129 -0.84 -12.48 -1.64
C VAL A 129 -0.42 -12.17 -0.21
N ALA A 130 0.61 -11.33 -0.05
CA ALA A 130 1.07 -10.98 1.29
C ALA A 130 -0.03 -10.35 2.13
N LYS A 131 -1.02 -9.71 1.47
CA LYS A 131 -2.11 -9.12 2.23
C LYS A 131 -3.03 -10.19 2.80
N VAL A 132 -3.27 -11.26 2.04
CA VAL A 132 -4.21 -12.29 2.49
C VAL A 132 -3.69 -12.99 3.73
N TYR A 133 -2.41 -13.37 3.71
CA TYR A 133 -1.85 -14.10 4.85
C TYR A 133 -1.53 -13.16 6.01
N GLY A 134 -0.94 -12.00 5.71
CA GLY A 134 -0.74 -10.99 6.75
C GLY A 134 -2.00 -10.71 7.54
N ALA A 135 -3.15 -10.93 6.89
CA ALA A 135 -4.45 -10.77 7.54
C ALA A 135 -4.76 -12.01 8.38
N VAL A 136 -4.59 -13.19 7.79
CA VAL A 136 -4.86 -14.45 8.49
C VAL A 136 -3.98 -14.56 9.74
N PHE A 137 -2.68 -14.36 9.57
CA PHE A 137 -1.75 -14.51 10.65
C PHE A 137 -2.05 -13.61 11.80
N HIS A 138 -2.15 -12.33 11.50
CA HIS A 138 -2.39 -11.32 12.53
C HIS A 138 -3.65 -11.64 13.32
N THR A 139 -4.74 -11.95 12.63
CA THR A 139 -5.97 -12.31 13.33
C THR A 139 -5.75 -13.48 14.26
N ALA A 140 -5.21 -14.59 13.72
CA ALA A 140 -4.94 -15.75 14.56
C ALA A 140 -3.94 -15.42 15.67
N ASN A 141 -3.11 -14.40 15.46
CA ASN A 141 -2.10 -14.06 16.45
C ASN A 141 -2.65 -13.15 17.53
N HIS A 142 -3.80 -12.51 17.29
CA HIS A 142 -4.32 -11.51 18.21
C HIS A 142 -5.64 -11.90 18.85
N LYS A 143 -6.37 -12.83 18.25
CA LYS A 143 -7.66 -13.26 18.78
C LYS A 143 -7.72 -14.76 19.04
N GLY A 144 -6.65 -15.49 18.75
CA GLY A 144 -6.70 -16.94 18.84
C GLY A 144 -6.50 -17.45 20.25
N ASP A 145 -7.27 -18.48 20.59
CA ASP A 145 -7.16 -19.15 21.88
C ASP A 145 -5.94 -20.07 21.88
N ARG A 146 -5.09 -19.92 22.89
CA ARG A 146 -3.83 -20.66 22.98
C ARG A 146 -3.89 -21.78 24.01
N SER A 147 -5.08 -22.32 24.30
CA SER A 147 -5.20 -23.34 25.32
C SER A 147 -4.41 -24.59 24.95
N GLN A 148 -4.63 -25.12 23.75
CA GLN A 148 -3.88 -26.30 23.30
C GLN A 148 -2.47 -25.88 22.87
N ALA A 149 -1.47 -26.57 23.43
CA ALA A 149 -0.08 -26.22 23.21
C ALA A 149 0.31 -26.43 21.75
N GLY A 150 1.17 -25.55 21.25
CA GLY A 150 1.71 -25.66 19.91
C GLY A 150 0.79 -25.21 18.79
N ARG A 151 -0.48 -24.90 19.09
CA ARG A 151 -1.42 -24.49 18.06
C ARG A 151 -2.28 -23.35 18.57
N VAL A 152 -2.84 -22.59 17.64
CA VAL A 152 -3.70 -21.45 17.95
C VAL A 152 -5.06 -21.71 17.34
N ILE A 153 -6.08 -21.77 18.19
CA ILE A 153 -7.45 -22.09 17.77
C ILE A 153 -8.21 -20.79 17.57
N VAL A 154 -8.91 -20.68 16.44
CA VAL A 154 -9.72 -19.49 16.15
C VAL A 154 -11.11 -19.95 15.71
N ASP A 155 -12.14 -19.34 16.29
CA ASP A 155 -13.50 -19.59 15.82
C ASP A 155 -13.63 -19.20 14.36
N TRP A 156 -14.37 -20.03 13.60
CA TRP A 156 -14.42 -19.85 12.15
C TRP A 156 -15.19 -18.59 11.78
N ASN A 157 -16.36 -18.38 12.38
CA ASN A 157 -17.15 -17.19 12.08
C ASN A 157 -16.42 -15.93 12.55
N MET A 158 -15.77 -15.98 13.71
CA MET A 158 -14.99 -14.84 14.18
C MET A 158 -13.81 -14.58 13.25
N MET A 159 -13.15 -15.64 12.78
CA MET A 159 -12.07 -15.50 11.82
C MET A 159 -12.53 -14.78 10.56
N LYS A 160 -13.64 -15.26 9.97
CA LYS A 160 -14.17 -14.65 8.77
C LYS A 160 -14.55 -13.19 9.01
N GLN A 161 -15.25 -12.91 10.11
CA GLN A 161 -15.71 -11.54 10.34
C GLN A 161 -14.56 -10.59 10.58
N TYR A 162 -13.56 -11.00 11.38
CA TYR A 162 -12.44 -10.11 11.65
C TYR A 162 -11.57 -9.92 10.41
N CYS A 163 -11.53 -10.93 9.52
CA CYS A 163 -10.79 -10.77 8.28
C CYS A 163 -11.53 -9.85 7.31
N GLN A 164 -12.86 -9.91 7.31
CA GLN A 164 -13.61 -9.10 6.35
C GLN A 164 -13.75 -7.66 6.79
N ARG A 165 -13.92 -7.43 8.09
CA ARG A 165 -14.25 -6.10 8.59
C ARG A 165 -13.05 -5.30 9.08
N VAL A 166 -12.04 -5.96 9.63
CA VAL A 166 -10.84 -5.29 10.12
C VAL A 166 -9.69 -5.43 9.14
N MET A 167 -9.57 -6.59 8.49
CA MET A 167 -8.54 -6.79 7.49
C MET A 167 -9.02 -6.50 6.07
N GLY A 168 -10.34 -6.47 5.85
CA GLY A 168 -10.87 -6.20 4.52
C GLY A 168 -10.57 -7.27 3.49
N ASP A 169 -11.00 -8.50 3.75
CA ASP A 169 -10.79 -9.61 2.84
C ASP A 169 -12.08 -10.42 2.70
N SER A 170 -12.42 -10.76 1.47
CA SER A 170 -13.60 -11.58 1.23
C SER A 170 -13.44 -12.93 1.92
N PRO A 171 -14.43 -13.39 2.67
CA PRO A 171 -14.30 -14.67 3.39
C PRO A 171 -13.97 -15.84 2.49
N LYS A 172 -14.32 -15.78 1.19
CA LYS A 172 -13.98 -16.86 0.28
C LYS A 172 -12.47 -16.96 0.07
N ARG A 173 -11.83 -15.81 -0.17
CA ARG A 173 -10.37 -15.80 -0.35
C ARG A 173 -9.66 -16.26 0.92
N ILE A 174 -10.14 -15.80 2.08
CA ILE A 174 -9.55 -16.24 3.35
C ILE A 174 -9.70 -17.74 3.50
N GLU A 175 -10.88 -18.27 3.18
CA GLU A 175 -11.10 -19.71 3.32
C GLU A 175 -10.19 -20.49 2.40
N GLN A 176 -9.95 -19.98 1.18
CA GLN A 176 -9.07 -20.70 0.26
C GLN A 176 -7.62 -20.64 0.69
N ALA A 177 -7.19 -19.51 1.27
CA ALA A 177 -5.83 -19.44 1.80
C ALA A 177 -5.64 -20.41 2.96
N ILE A 178 -6.63 -20.46 3.86
CA ILE A 178 -6.52 -21.41 4.97
C ILE A 178 -6.66 -22.84 4.46
N ASN A 179 -7.34 -23.03 3.32
CA ASN A 179 -7.36 -24.34 2.68
C ASN A 179 -5.96 -24.74 2.23
N ILE A 180 -5.24 -23.81 1.59
CA ILE A 180 -3.84 -24.05 1.25
C ILE A 180 -3.05 -24.43 2.49
N LEU A 181 -3.29 -23.72 3.60
CA LEU A 181 -2.59 -24.02 4.84
C LEU A 181 -2.88 -25.45 5.31
N VAL A 182 -4.16 -25.84 5.32
CA VAL A 182 -4.53 -27.18 5.77
C VAL A 182 -3.92 -28.25 4.86
N LYS A 183 -3.89 -27.98 3.55
CA LYS A 183 -3.39 -28.98 2.60
C LYS A 183 -1.91 -29.28 2.82
N LEU A 184 -1.14 -28.31 3.31
CA LEU A 184 0.28 -28.47 3.54
C LEU A 184 0.60 -28.93 4.96
N LYS A 185 -0.38 -29.49 5.67
CA LYS A 185 -0.20 -30.00 7.03
C LYS A 185 0.21 -28.92 8.01
N LEU A 186 -0.15 -27.66 7.73
CA LEU A 186 0.14 -26.55 8.63
C LEU A 186 -1.08 -26.06 9.39
N ALA A 187 -2.24 -26.67 9.19
CA ALA A 187 -3.46 -26.23 9.88
C ALA A 187 -4.47 -27.38 9.86
N LEU A 188 -5.54 -27.20 10.62
CA LEU A 188 -6.60 -28.19 10.71
C LEU A 188 -7.96 -27.50 10.67
N TYR A 189 -9.03 -28.28 10.52
CA TYR A 189 -10.37 -27.73 10.47
C TYR A 189 -11.34 -28.49 11.37
N GLU A 190 -11.64 -27.90 12.52
CA GLU A 190 -12.57 -28.51 13.48
C GLU A 190 -13.99 -28.38 12.97
N MET A 191 -14.51 -29.57 12.71
CA MET A 191 -15.82 -29.88 12.20
C MET A 191 -16.87 -30.14 13.25
N GLY A 192 -17.93 -29.36 13.16
CA GLY A 192 -19.07 -29.49 14.05
C GLY A 192 -20.32 -29.66 13.21
N LYS A 193 -21.45 -29.90 13.87
CA LYS A 193 -22.71 -30.08 13.17
C LYS A 193 -23.67 -28.94 13.48
N ASP A 194 -23.93 -28.11 12.47
CA ASP A 194 -24.83 -26.97 12.65
C ASP A 194 -26.25 -27.51 12.84
N PRO A 195 -27.14 -26.69 13.42
CA PRO A 195 -28.56 -26.99 13.55
C PRO A 195 -29.27 -27.01 12.19
N THR A 196 -29.23 -28.15 11.52
CA THR A 196 -29.87 -28.29 10.21
C THR A 196 -30.07 -29.75 9.84
N GLY A 200 -26.94 -34.29 8.19
CA GLY A 200 -25.78 -33.71 8.83
C GLY A 200 -24.52 -33.89 8.03
N PRO A 201 -24.19 -32.91 7.17
CA PRO A 201 -23.00 -32.94 6.33
C PRO A 201 -21.79 -32.32 7.00
N GLU A 202 -21.96 -31.89 8.26
CA GLU A 202 -20.96 -31.23 9.12
C GLU A 202 -20.56 -29.79 8.72
N GLU A 203 -19.97 -29.05 9.67
CA GLU A 203 -19.59 -27.68 9.37
C GLU A 203 -18.44 -27.11 10.17
N ILE A 204 -17.49 -26.51 9.46
CA ILE A 204 -16.34 -25.85 10.06
C ILE A 204 -16.82 -25.06 11.26
N GLN A 205 -16.25 -25.36 12.42
CA GLN A 205 -16.49 -24.57 13.62
C GLN A 205 -15.26 -23.74 14.00
N LYS A 206 -14.09 -24.38 14.01
CA LYS A 206 -12.86 -23.73 14.35
C LYS A 206 -11.73 -24.15 13.46
N VAL A 207 -10.72 -23.31 13.42
CA VAL A 207 -9.52 -23.56 12.64
C VAL A 207 -8.33 -23.57 13.59
N HIS A 208 -7.49 -24.58 13.44
CA HIS A 208 -6.30 -24.72 14.23
C HIS A 208 -5.07 -24.37 13.42
N PHE A 209 -4.36 -23.33 13.82
CA PHE A 209 -3.13 -22.93 13.17
C PHE A 209 -1.97 -23.61 13.89
N LEU A 210 -1.32 -24.54 13.20
CA LEU A 210 -0.25 -25.31 13.80
C LEU A 210 1.05 -24.54 13.82
N ASP A 211 1.20 -23.57 12.92
CA ASP A 211 2.46 -22.85 12.72
C ASP A 211 2.28 -21.49 12.10
N LEU A 212 2.16 -20.46 12.94
CA LEU A 212 2.02 -19.11 12.42
C LEU A 212 3.36 -18.52 12.00
N GLY A 213 4.46 -19.03 12.57
CA GLY A 213 5.77 -18.53 12.18
C GLY A 213 6.03 -18.71 10.70
N LEU A 214 5.62 -19.85 10.15
CA LEU A 214 5.75 -20.07 8.71
C LEU A 214 4.91 -19.08 7.92
N VAL A 215 3.72 -18.75 8.42
CA VAL A 215 2.85 -17.79 7.73
C VAL A 215 3.52 -16.43 7.67
N GLU A 216 4.07 -15.98 8.81
CA GLU A 216 4.74 -14.68 8.82
C GLU A 216 5.99 -14.71 7.95
N SER A 217 6.77 -15.79 8.03
CA SER A 217 7.93 -15.94 7.17
C SER A 217 7.55 -15.80 5.70
N PHE A 218 6.45 -16.47 5.31
CA PHE A 218 6.05 -16.45 3.91
C PHE A 218 5.59 -15.07 3.47
N PHE A 219 4.74 -14.40 4.27
CA PHE A 219 4.26 -13.12 3.77
C PHE A 219 5.33 -12.04 3.86
N GLU A 220 6.32 -12.19 4.76
CA GLU A 220 7.45 -11.27 4.76
C GLU A 220 8.34 -11.50 3.53
N PHE A 221 8.64 -12.77 3.23
CA PHE A 221 9.29 -13.15 1.98
C PHE A 221 8.61 -12.49 0.79
N TYR A 222 7.29 -12.62 0.71
CA TYR A 222 6.55 -12.14 -0.45
C TYR A 222 6.53 -10.61 -0.51
N GLN A 223 6.29 -9.94 0.62
CA GLN A 223 6.30 -8.48 0.62
C GLN A 223 7.68 -7.93 0.32
N TYR A 224 8.74 -8.69 0.66
CA TYR A 224 10.09 -8.22 0.42
C TYR A 224 10.55 -8.47 -1.01
N TYR A 225 10.02 -9.50 -1.68
CA TYR A 225 10.45 -9.78 -3.05
C TYR A 225 9.48 -9.29 -4.12
N TYR A 226 8.24 -8.95 -3.77
CA TYR A 226 7.29 -8.51 -4.78
C TYR A 226 7.49 -7.03 -5.12
N PHE A 227 7.61 -6.18 -4.09
CA PHE A 227 7.78 -4.74 -4.25
C PHE A 227 9.23 -4.32 -4.46
N LYS A 228 10.07 -5.24 -4.91
CA LYS A 228 11.48 -4.97 -5.12
C LYS A 228 11.75 -4.07 -6.32
N GLY A 229 11.38 -4.53 -7.52
CA GLY A 229 11.65 -3.78 -8.73
C GLY A 229 11.15 -4.48 -9.98
N GLY A 230 11.84 -4.25 -11.10
CA GLY A 230 11.44 -4.88 -12.35
C GLY A 230 11.66 -6.38 -12.35
N ARG A 231 12.66 -6.85 -11.63
CA ARG A 231 12.96 -8.28 -11.53
C ARG A 231 11.99 -8.90 -10.53
N SER A 232 10.88 -9.41 -11.04
CA SER A 232 9.85 -10.06 -10.23
C SER A 232 9.67 -11.53 -10.53
N ASP A 233 10.71 -12.17 -11.06
CA ASP A 233 10.72 -13.60 -11.32
C ASP A 233 11.16 -14.49 -10.17
N LEU A 234 11.58 -13.90 -9.04
CA LEU A 234 11.96 -14.67 -7.87
C LEU A 234 10.77 -15.42 -7.28
N LEU A 235 9.54 -15.00 -7.59
CA LEU A 235 8.34 -15.67 -7.10
C LEU A 235 7.95 -16.85 -7.97
N LYS A 236 8.42 -16.90 -9.21
CA LYS A 236 8.13 -18.01 -10.13
C LYS A 236 8.82 -19.19 -9.46
N VAL A 237 8.02 -20.13 -8.95
CA VAL A 237 8.56 -21.35 -8.36
C VAL A 237 8.99 -22.29 -9.47
N ASP A 238 10.28 -22.58 -9.52
CA ASP A 238 10.84 -23.42 -10.56
C ASP A 238 10.86 -24.87 -10.08
N GLU A 239 10.21 -25.76 -10.83
CA GLU A 239 10.14 -27.16 -10.44
C GLU A 239 11.53 -27.77 -10.32
N LEU A 240 12.42 -27.44 -11.25
CA LEU A 240 13.80 -27.90 -11.19
C LEU A 240 14.48 -27.45 -9.90
N CYS A 241 14.23 -26.20 -9.49
CA CYS A 241 14.83 -25.69 -8.27
C CYS A 241 14.21 -26.32 -7.03
N MET A 242 12.88 -26.49 -7.03
CA MET A 242 12.23 -27.09 -5.86
C MET A 242 12.67 -28.52 -5.66
N GLN A 243 12.78 -29.31 -6.74
CA GLN A 243 13.26 -30.67 -6.61
C GLN A 243 14.65 -30.71 -6.01
N MET A 244 15.57 -29.85 -6.50
CA MET A 244 16.93 -29.83 -5.97
C MET A 244 16.95 -29.40 -4.51
N LEU A 245 16.15 -28.40 -4.14
CA LEU A 245 16.16 -27.94 -2.76
C LEU A 245 15.59 -28.99 -1.82
N GLY A 246 14.50 -29.66 -2.24
CA GLY A 246 14.00 -30.77 -1.46
C GLY A 246 15.02 -31.89 -1.33
N ALA A 247 15.78 -32.14 -2.39
CA ALA A 247 16.81 -33.17 -2.33
C ALA A 247 17.90 -32.81 -1.33
N ILE A 248 18.36 -31.56 -1.37
CA ILE A 248 19.47 -31.19 -0.48
C ILE A 248 19.00 -31.09 0.98
N LEU A 249 17.74 -30.71 1.20
CA LEU A 249 17.23 -30.69 2.56
C LEU A 249 16.87 -32.07 3.08
N LYS A 250 16.62 -33.03 2.18
CA LYS A 250 16.53 -34.43 2.57
C LYS A 250 17.90 -35.01 2.88
N LEU A 251 18.94 -34.52 2.20
CA LEU A 251 20.30 -35.00 2.44
C LEU A 251 20.76 -34.48 3.79
N SER A 252 20.73 -33.17 3.99
CA SER A 252 21.26 -32.54 5.20
C SER A 252 20.14 -32.50 6.24
N GLU A 253 19.73 -33.68 6.71
CA GLU A 253 18.69 -33.77 7.71
C GLU A 253 19.27 -34.27 9.02
N ASN A 254 20.47 -34.86 9.00
CA ASN A 254 21.11 -35.41 10.20
C ASN A 254 22.36 -34.63 10.57
N GLU A 255 22.33 -33.31 10.40
CA GLU A 255 23.46 -32.45 10.70
C GLU A 255 23.08 -31.43 11.76
N GLN A 256 24.03 -31.12 12.66
CA GLN A 256 23.76 -30.19 13.74
C GLN A 256 24.29 -28.82 13.41
N PRO A 257 23.47 -27.77 13.48
CA PRO A 257 23.97 -26.41 13.22
C PRO A 257 24.53 -25.71 14.45
N ASP A 258 25.46 -24.80 14.18
CA ASP A 258 26.14 -24.05 15.22
C ASP A 258 25.54 -22.64 15.24
N ARG A 259 26.04 -21.77 16.13
CA ARG A 259 25.36 -20.55 16.54
C ARG A 259 24.86 -19.72 15.36
N PHE A 260 25.48 -19.86 14.18
CA PHE A 260 25.00 -19.16 13.00
C PHE A 260 23.85 -19.88 12.33
N GLY A 261 23.77 -21.20 12.51
CA GLY A 261 22.74 -22.03 11.91
C GLY A 261 23.21 -22.86 10.73
N ILE A 262 24.47 -22.77 10.34
CA ILE A 262 24.96 -23.41 9.13
C ILE A 262 25.17 -24.90 9.38
N VAL A 263 24.87 -25.71 8.37
CA VAL A 263 25.25 -27.11 8.33
C VAL A 263 25.90 -27.38 6.99
N GLY A 264 26.58 -28.52 6.90
CA GLY A 264 27.27 -28.87 5.68
C GLY A 264 26.67 -30.06 4.97
N VAL A 265 27.01 -30.21 3.68
CA VAL A 265 26.63 -31.37 2.90
C VAL A 265 27.77 -31.67 1.94
N ASP A 266 28.21 -32.92 1.90
CA ASP A 266 29.25 -33.32 0.96
C ASP A 266 28.83 -32.98 -0.46
N PHE A 267 29.64 -32.15 -1.14
CA PHE A 267 29.41 -31.85 -2.56
C PHE A 267 29.29 -33.12 -3.38
N ALA A 268 30.08 -34.13 -3.04
CA ALA A 268 30.00 -35.46 -3.61
C ALA A 268 28.59 -36.02 -3.54
N LYS A 269 28.15 -36.30 -2.31
CA LYS A 269 26.83 -36.89 -2.09
C LYS A 269 25.74 -36.09 -2.80
N PHE A 270 25.84 -34.76 -2.74
CA PHE A 270 24.86 -33.91 -3.41
C PHE A 270 24.83 -34.16 -4.91
N SER A 271 25.98 -34.03 -5.59
CA SER A 271 25.95 -34.24 -7.05
C SER A 271 25.55 -35.68 -7.41
N GLU A 272 26.01 -36.66 -6.64
CA GLU A 272 25.77 -38.06 -6.98
C GLU A 272 24.28 -38.40 -6.87
N PHE A 273 23.66 -38.04 -5.74
CA PHE A 273 22.24 -38.24 -5.51
C PHE A 273 21.40 -37.17 -6.20
N CYS A 274 22.04 -36.25 -6.93
CA CYS A 274 21.32 -35.36 -7.82
C CYS A 274 21.20 -35.95 -9.22
N LYS A 275 22.29 -36.50 -9.76
CA LYS A 275 22.23 -37.08 -11.09
C LYS A 275 21.48 -38.41 -11.10
N GLU A 276 21.72 -39.25 -10.09
CA GLU A 276 21.12 -40.58 -10.06
C GLU A 276 19.69 -40.59 -9.55
N GLU A 277 19.20 -39.45 -9.06
CA GLU A 277 17.84 -39.36 -8.55
C GLU A 277 16.96 -38.46 -9.41
N ILE A 278 17.57 -37.42 -9.99
CA ILE A 278 16.83 -36.49 -10.83
C ILE A 278 17.15 -36.67 -12.31
N GLY A 279 18.43 -36.80 -12.62
CA GLY A 279 18.86 -36.97 -14.00
C GLY A 279 19.66 -35.90 -14.69
N ILE A 280 20.39 -35.09 -13.92
CA ILE A 280 21.18 -33.99 -14.46
C ILE A 280 22.54 -34.00 -13.79
N ASN A 281 23.57 -33.64 -14.56
CA ASN A 281 24.91 -33.46 -14.02
C ASN A 281 25.02 -32.07 -13.42
N LEU A 282 25.37 -32.00 -12.14
CA LEU A 282 25.52 -30.70 -11.49
C LEU A 282 26.63 -29.89 -12.15
N ASN A 283 26.33 -28.62 -12.42
CA ASN A 283 27.27 -27.75 -13.11
C ASN A 283 27.04 -26.32 -12.64
N ASN A 284 27.76 -25.37 -13.23
CA ASN A 284 27.68 -23.97 -12.84
C ASN A 284 26.43 -23.26 -13.35
N ASP A 285 25.71 -23.87 -14.30
CA ASP A 285 24.51 -23.22 -14.82
C ASP A 285 23.32 -23.42 -13.88
N HIS A 286 23.15 -24.62 -13.36
CA HIS A 286 22.04 -24.89 -12.43
C HIS A 286 22.11 -23.94 -11.24
N PHE A 287 23.31 -23.73 -10.70
CA PHE A 287 23.46 -22.81 -9.56
C PHE A 287 23.20 -21.37 -9.96
N ALA A 288 23.34 -21.02 -11.24
CA ALA A 288 22.91 -19.71 -11.72
C ALA A 288 21.39 -19.55 -11.63
N ARG A 289 20.65 -20.65 -11.60
CA ARG A 289 19.20 -20.58 -11.48
C ARG A 289 18.77 -20.44 -10.02
N LEU A 290 19.23 -21.37 -9.16
CA LEU A 290 18.87 -21.29 -7.75
C LEU A 290 19.45 -20.05 -7.08
N GLU A 291 20.52 -19.48 -7.64
CA GLU A 291 21.01 -18.21 -7.13
C GLU A 291 20.06 -17.05 -7.47
N GLY A 292 19.39 -17.12 -8.64
CA GLY A 292 18.43 -16.09 -8.98
C GLY A 292 17.06 -16.31 -8.38
N LYS A 293 16.86 -17.41 -7.67
CA LYS A 293 15.63 -17.68 -6.95
C LYS A 293 15.75 -17.40 -5.45
N GLY A 294 16.97 -17.26 -4.93
CA GLY A 294 17.16 -16.89 -3.54
C GLY A 294 17.96 -17.91 -2.74
N VAL A 295 18.47 -18.92 -3.42
CA VAL A 295 19.18 -20.02 -2.79
C VAL A 295 20.67 -19.79 -2.97
N PHE A 296 21.33 -19.29 -1.93
CA PHE A 296 22.77 -19.05 -1.91
C PHE A 296 23.44 -20.03 -0.95
N MET A 297 24.64 -20.47 -1.31
CA MET A 297 25.35 -21.49 -0.54
C MET A 297 26.83 -21.16 -0.51
N LYS A 298 27.50 -21.56 0.58
CA LYS A 298 28.92 -21.26 0.78
C LYS A 298 29.75 -22.52 0.54
N ARG A 299 30.67 -22.46 -0.41
CA ARG A 299 31.49 -23.62 -0.68
C ARG A 299 32.85 -23.43 -0.01
N LYS A 300 33.28 -24.42 0.76
CA LYS A 300 34.55 -24.37 1.48
C LYS A 300 35.28 -25.70 1.32
N ASN A 301 36.53 -25.63 0.87
CA ASN A 301 37.37 -26.80 0.74
C ASN A 301 38.04 -27.03 2.09
N ALA A 302 37.59 -28.03 2.82
CA ALA A 302 38.13 -28.33 4.14
C ALA A 302 37.93 -29.82 4.38
N GLY A 303 39.03 -30.52 4.64
CA GLY A 303 38.99 -31.96 4.89
C GLY A 303 38.63 -32.90 3.77
N SER A 304 37.47 -33.54 3.89
CA SER A 304 37.04 -34.54 2.92
C SER A 304 36.90 -33.96 1.51
N GLY A 305 36.57 -32.68 1.42
CA GLY A 305 36.40 -32.04 0.13
C GLY A 305 35.63 -30.73 0.28
N VAL A 306 35.07 -30.28 -0.83
CA VAL A 306 34.28 -29.05 -0.81
C VAL A 306 32.94 -29.33 -0.14
N VAL A 307 32.63 -28.55 0.90
CA VAL A 307 31.41 -28.70 1.67
C VAL A 307 30.54 -27.47 1.43
N LEU A 308 29.23 -27.68 1.41
CA LEU A 308 28.25 -26.63 1.14
C LEU A 308 27.57 -26.22 2.44
N GLN A 309 27.77 -24.97 2.84
CA GLN A 309 27.23 -24.41 4.07
C GLN A 309 26.02 -23.55 3.78
N PHE A 310 24.98 -23.74 4.59
CA PHE A 310 23.70 -23.04 4.52
C PHE A 310 22.94 -23.31 5.79
N GLU A 311 22.14 -22.34 6.21
CA GLU A 311 21.31 -22.51 7.40
C GLU A 311 20.00 -23.22 7.02
N VAL A 312 19.71 -24.33 7.72
CA VAL A 312 18.56 -25.14 7.39
C VAL A 312 17.26 -24.37 7.55
N LYS A 313 17.23 -23.41 8.48
CA LYS A 313 16.02 -22.62 8.69
C LYS A 313 15.64 -21.85 7.42
N GLU A 314 16.61 -21.15 6.83
CA GLU A 314 16.32 -20.36 5.63
C GLU A 314 15.88 -21.25 4.48
N PHE A 315 16.59 -22.36 4.25
CA PHE A 315 16.26 -23.22 3.11
C PHE A 315 14.93 -23.92 3.29
N ARG A 316 14.63 -24.38 4.51
CA ARG A 316 13.35 -25.04 4.76
C ARG A 316 12.19 -24.04 4.68
N SER A 317 12.40 -22.81 5.17
CA SER A 317 11.38 -21.78 5.01
C SER A 317 11.16 -21.45 3.54
N ILE A 318 12.23 -21.40 2.75
CA ILE A 318 12.09 -21.14 1.32
C ILE A 318 11.39 -22.30 0.63
N LEU A 319 11.63 -23.53 1.08
CA LEU A 319 10.94 -24.68 0.51
C LEU A 319 9.44 -24.64 0.82
N GLN A 320 9.09 -24.31 2.06
CA GLN A 320 7.68 -24.18 2.41
C GLN A 320 7.03 -23.04 1.64
N SER A 321 7.73 -21.91 1.50
CA SER A 321 7.20 -20.80 0.72
C SER A 321 7.05 -21.16 -0.75
N TRP A 322 7.92 -22.03 -1.27
CA TRP A 322 7.78 -22.51 -2.63
C TRP A 322 6.55 -23.39 -2.79
N LYS A 323 6.33 -24.29 -1.82
CA LYS A 323 5.07 -25.01 -1.76
C LYS A 323 3.89 -24.03 -1.80
N MET A 324 3.99 -22.96 -1.00
CA MET A 324 2.93 -21.96 -0.96
C MET A 324 2.70 -21.33 -2.33
N LEU A 325 3.78 -20.93 -3.00
CA LEU A 325 3.66 -20.30 -4.31
C LEU A 325 3.05 -21.25 -5.34
N ARG A 326 3.48 -22.51 -5.32
CA ARG A 326 2.92 -23.48 -6.25
C ARG A 326 1.43 -23.69 -6.00
N GLU A 327 1.04 -23.78 -4.72
CA GLU A 327 -0.37 -23.91 -4.39
C GLU A 327 -1.16 -22.68 -4.78
N ILE A 328 -0.55 -21.50 -4.67
CA ILE A 328 -1.21 -20.26 -5.07
C ILE A 328 -1.44 -20.24 -6.58
N GLU A 329 -0.47 -20.73 -7.35
CA GLU A 329 -0.64 -20.84 -8.78
C GLU A 329 -1.76 -21.82 -9.14
N LYS A 330 -1.79 -22.96 -8.44
CA LYS A 330 -2.87 -23.92 -8.66
C LYS A 330 -4.23 -23.32 -8.32
N TRP A 331 -4.28 -22.51 -7.24
CA TRP A 331 -5.51 -21.84 -6.84
C TRP A 331 -5.95 -20.84 -7.91
N ASN A 332 -5.02 -20.02 -8.40
CA ASN A 332 -5.35 -19.05 -9.44
C ASN A 332 -5.86 -19.74 -10.69
N GLU A 333 -5.31 -20.90 -11.03
CA GLU A 333 -5.76 -21.61 -12.24
C GLU A 333 -7.14 -22.22 -12.04
N LYS A 334 -7.27 -23.11 -11.05
CA LYS A 334 -8.51 -23.86 -10.88
C LYS A 334 -9.65 -23.01 -10.35
N GLY A 335 -9.35 -21.91 -9.67
CA GLY A 335 -10.36 -21.10 -9.02
C GLY A 335 -10.63 -21.48 -7.58
N PHE A 336 -10.25 -22.68 -7.16
CA PHE A 336 -10.31 -23.10 -5.78
C PHE A 336 -9.04 -23.88 -5.46
N VAL A 337 -8.96 -24.36 -4.22
CA VAL A 337 -7.84 -25.18 -3.76
C VAL A 337 -8.36 -26.59 -3.56
N ASP A 338 -7.96 -27.50 -4.45
CA ASP A 338 -8.31 -28.91 -4.33
C ASP A 338 -7.48 -29.51 -3.21
N MET A 339 -8.11 -29.72 -2.06
CA MET A 339 -7.39 -30.27 -0.90
C MET A 339 -7.21 -31.77 -0.98
N ASP A 340 -7.62 -32.33 -2.12
CA ASP A 340 -7.42 -33.75 -2.40
C ASP A 340 -6.49 -33.99 -3.61
N GLU A 341 -5.76 -32.97 -4.06
CA GLU A 341 -4.84 -33.09 -5.23
C GLU A 341 -3.93 -34.30 -5.15
N LYS A 342 -3.04 -34.29 -4.15
CA LYS A 342 -2.21 -35.43 -3.76
C LYS A 342 -1.02 -35.80 -4.66
N GLU A 343 -0.35 -34.77 -5.17
CA GLU A 343 0.79 -34.94 -6.08
C GLU A 343 1.80 -35.99 -5.62
N SER B 2 12.30 37.35 -10.99
CA SER B 2 10.99 37.35 -10.34
C SER B 2 10.67 35.98 -9.76
N VAL B 3 10.58 35.90 -8.43
CA VAL B 3 10.18 34.68 -7.75
C VAL B 3 8.87 34.95 -7.03
N LYS B 4 7.98 33.98 -7.07
CA LYS B 4 6.67 34.07 -6.41
C LYS B 4 6.67 33.16 -5.19
N THR B 5 6.22 33.70 -4.06
CA THR B 5 6.19 32.99 -2.79
C THR B 5 4.73 32.75 -2.41
N PHE B 6 4.31 31.49 -2.44
CA PHE B 6 2.97 31.10 -2.06
C PHE B 6 2.95 30.62 -0.61
N LYS B 7 1.90 30.97 0.11
CA LYS B 7 1.71 30.51 1.47
C LYS B 7 1.03 29.15 1.47
N LYS B 8 1.20 28.42 2.57
CA LYS B 8 0.64 27.07 2.65
C LYS B 8 -0.87 27.13 2.48
N GLY B 9 -1.39 26.25 1.62
CA GLY B 9 -2.80 26.21 1.31
C GLY B 9 -3.26 27.21 0.27
N GLU B 10 -2.39 28.07 -0.21
CA GLU B 10 -2.78 29.05 -1.22
C GLU B 10 -2.90 28.38 -2.59
N VAL B 11 -3.84 28.89 -3.39
CA VAL B 11 -4.07 28.35 -4.72
C VAL B 11 -3.04 28.94 -5.68
N ILE B 12 -2.19 28.10 -6.24
CA ILE B 12 -1.18 28.54 -7.20
C ILE B 12 -1.85 28.87 -8.54
N TYR B 13 -2.74 27.99 -9.00
CA TYR B 13 -3.54 28.23 -10.19
C TYR B 13 -4.73 27.29 -10.16
N LYS B 14 -5.86 27.77 -10.66
CA LYS B 14 -7.06 26.94 -10.71
C LYS B 14 -7.19 26.27 -12.06
N ASP B 15 -7.94 25.16 -12.09
CA ASP B 15 -8.25 24.47 -13.33
C ASP B 15 -9.07 25.39 -14.23
N GLY B 16 -8.54 25.63 -15.44
CA GLY B 16 -9.19 26.48 -16.41
C GLY B 16 -8.51 27.82 -16.62
N ASP B 17 -7.71 28.27 -15.66
CA ASP B 17 -7.05 29.57 -15.79
C ASP B 17 -6.02 29.53 -16.91
N LYS B 18 -5.89 30.65 -17.62
CA LYS B 18 -4.88 30.73 -18.66
C LYS B 18 -3.49 30.81 -18.05
N ILE B 19 -2.55 30.04 -18.61
CA ILE B 19 -1.18 30.03 -18.14
C ILE B 19 -0.52 31.36 -18.51
N THR B 20 -0.36 32.23 -17.52
CA THR B 20 0.29 33.53 -17.72
C THR B 20 1.81 33.46 -17.59
N ALA B 21 2.33 32.57 -16.73
CA ALA B 21 3.76 32.36 -16.65
C ALA B 21 4.02 30.90 -16.28
N VAL B 22 5.26 30.47 -16.47
CA VAL B 22 5.70 29.11 -16.19
C VAL B 22 6.52 29.12 -14.91
N TYR B 23 6.11 28.30 -13.94
CA TYR B 23 6.73 28.28 -12.62
C TYR B 23 7.69 27.10 -12.50
N LEU B 24 8.92 27.39 -12.09
CA LEU B 24 9.91 26.35 -11.75
C LEU B 24 10.02 26.31 -10.23
N ILE B 25 9.52 25.24 -9.63
CA ILE B 25 9.50 25.11 -8.18
C ILE B 25 10.94 25.13 -7.66
N GLN B 26 11.32 26.23 -7.00
CA GLN B 26 12.66 26.31 -6.42
C GLN B 26 12.70 25.72 -5.01
N SER B 27 11.60 25.81 -4.27
CA SER B 27 11.54 25.20 -2.95
C SER B 27 10.08 25.05 -2.54
N GLY B 28 9.82 24.03 -1.74
CA GLY B 28 8.46 23.78 -1.27
C GLY B 28 7.80 22.60 -1.94
N GLY B 29 6.50 22.71 -2.19
CA GLY B 29 5.77 21.64 -2.83
C GLY B 29 4.43 22.09 -3.36
N ALA B 30 4.10 21.69 -4.59
CA ALA B 30 2.83 22.01 -5.21
C ALA B 30 2.02 20.73 -5.37
N ASN B 31 0.80 20.72 -4.85
CA ASN B 31 -0.13 19.61 -5.00
C ASN B 31 -0.97 19.89 -6.23
N GLN B 32 -0.67 19.17 -7.31
CA GLN B 32 -1.59 19.08 -8.44
C GLN B 32 -2.80 18.27 -7.99
N CYS B 33 -3.98 18.83 -8.22
CA CYS B 33 -5.23 18.26 -7.70
C CYS B 33 -6.38 18.83 -8.51
N LEU B 34 -7.60 18.48 -8.10
CA LEU B 34 -8.83 19.02 -8.68
C LEU B 34 -9.67 19.58 -7.52
N ILE B 35 -9.62 20.89 -7.33
CA ILE B 35 -10.44 21.53 -6.31
C ILE B 35 -11.90 21.40 -6.73
N ARG B 36 -12.64 20.55 -6.04
CA ARG B 36 -14.03 20.22 -6.39
C ARG B 36 -14.93 20.65 -5.23
N GLY B 37 -15.49 21.85 -5.36
CA GLY B 37 -16.30 22.44 -4.30
C GLY B 37 -15.42 22.44 -3.07
N LYS B 38 -15.89 21.77 -2.02
CA LYS B 38 -15.14 21.68 -0.76
C LYS B 38 -14.17 20.51 -0.76
N LYS B 39 -14.35 19.59 -1.68
CA LYS B 39 -13.45 18.47 -1.71
C LYS B 39 -12.29 18.76 -2.62
N THR B 40 -11.12 18.24 -2.25
CA THR B 40 -9.90 18.41 -3.03
C THR B 40 -9.23 17.08 -3.28
N ILE B 41 -9.50 16.49 -4.45
CA ILE B 41 -8.93 15.20 -4.81
C ILE B 41 -7.47 15.34 -5.21
N ASP B 42 -6.58 14.82 -4.37
CA ASP B 42 -5.14 14.88 -4.63
C ASP B 42 -4.79 14.07 -5.88
N LEU B 43 -3.93 14.66 -6.67
CA LEU B 43 -3.44 14.05 -7.87
C LEU B 43 -1.99 13.67 -7.58
N PHE B 44 -1.10 14.68 -7.62
CA PHE B 44 0.33 14.47 -7.45
C PHE B 44 0.92 15.57 -6.58
N GLN B 45 2.08 15.28 -6.02
CA GLN B 45 2.86 16.25 -5.25
C GLN B 45 4.19 16.45 -5.95
N LEU B 46 4.46 17.69 -6.35
CA LEU B 46 5.67 18.03 -7.09
C LEU B 46 6.53 18.95 -6.24
N GLY B 47 7.73 18.47 -5.91
CA GLY B 47 8.70 19.25 -5.17
C GLY B 47 9.55 20.11 -6.09
N SER B 48 10.74 20.44 -5.62
CA SER B 48 11.64 21.32 -6.37
C SER B 48 12.00 20.71 -7.73
N SER B 49 12.56 21.55 -8.59
CA SER B 49 13.04 21.26 -9.93
C SER B 49 11.90 20.68 -10.82
N HIS B 50 10.66 20.86 -10.43
CA HIS B 50 9.53 20.57 -11.28
C HIS B 50 8.98 21.84 -11.93
N ILE B 51 8.42 21.69 -13.13
CA ILE B 51 7.89 22.82 -13.89
C ILE B 51 6.37 22.72 -13.91
N LEU B 52 5.71 23.78 -13.47
CA LEU B 52 4.26 23.88 -13.52
C LEU B 52 3.85 24.76 -14.69
N GLY B 53 2.81 24.34 -15.41
CA GLY B 53 2.34 25.10 -16.55
C GLY B 53 3.10 24.87 -17.84
N ASP B 54 3.88 23.78 -17.94
CA ASP B 54 4.60 23.52 -19.19
C ASP B 54 3.70 23.00 -20.30
N GLN B 55 2.41 22.81 -20.03
CA GLN B 55 1.48 22.35 -21.06
C GLN B 55 1.45 23.28 -22.26
N VAL B 56 1.96 24.51 -22.12
CA VAL B 56 2.01 25.45 -23.22
C VAL B 56 2.89 24.93 -24.36
N ILE B 57 3.76 23.96 -24.08
CA ILE B 57 4.52 23.32 -25.15
C ILE B 57 3.57 22.73 -26.18
N LEU B 58 2.49 22.10 -25.73
CA LEU B 58 1.50 21.50 -26.62
C LEU B 58 0.61 22.53 -27.29
N GLY B 59 0.87 23.82 -27.09
CA GLY B 59 -0.02 24.85 -27.57
C GLY B 59 -1.23 25.10 -26.69
N GLN B 60 -1.29 24.47 -25.51
CA GLN B 60 -2.43 24.65 -24.62
C GLN B 60 -2.45 26.04 -24.02
N ALA B 61 -3.65 26.60 -23.88
CA ALA B 61 -3.82 27.92 -23.31
C ALA B 61 -4.33 27.89 -21.87
N THR B 62 -4.77 26.74 -21.38
CA THR B 62 -5.40 26.65 -20.07
C THR B 62 -4.72 25.58 -19.22
N HIS B 63 -4.66 25.82 -17.92
CA HIS B 63 -4.17 24.83 -16.98
C HIS B 63 -5.14 23.65 -16.93
N PRO B 64 -4.65 22.41 -17.02
CA PRO B 64 -5.56 21.26 -16.98
C PRO B 64 -6.04 20.94 -15.57
N THR B 65 -5.19 21.18 -14.59
CA THR B 65 -5.46 20.85 -13.19
C THR B 65 -5.38 22.12 -12.34
N SER B 66 -5.66 21.95 -11.06
CA SER B 66 -5.42 22.99 -10.06
C SER B 66 -4.16 22.64 -9.28
N ALA B 67 -3.58 23.64 -8.63
CA ALA B 67 -2.40 23.43 -7.82
C ALA B 67 -2.50 24.23 -6.53
N VAL B 68 -2.16 23.59 -5.43
CA VAL B 68 -2.19 24.23 -4.11
C VAL B 68 -0.83 24.08 -3.45
N ALA B 69 -0.33 25.16 -2.85
CA ALA B 69 0.92 25.07 -2.10
C ALA B 69 0.70 24.19 -0.87
N THR B 70 1.60 23.22 -0.67
CA THR B 70 1.56 22.38 0.51
C THR B 70 2.45 22.92 1.63
N THR B 71 3.28 23.90 1.33
CA THR B 71 4.19 24.55 2.25
C THR B 71 4.47 25.92 1.63
N GLU B 72 5.18 26.77 2.38
CA GLU B 72 5.67 28.01 1.77
C GLU B 72 6.43 27.55 0.54
N THR B 73 5.93 27.92 -0.64
CA THR B 73 6.49 27.43 -1.90
C THR B 73 7.03 28.60 -2.70
N LYS B 74 8.34 28.60 -2.94
CA LYS B 74 9.00 29.63 -3.74
C LYS B 74 9.26 29.06 -5.12
N VAL B 75 8.73 29.74 -6.16
CA VAL B 75 8.87 29.31 -7.54
C VAL B 75 9.49 30.44 -8.34
N LEU B 76 10.19 30.07 -9.42
CA LEU B 76 10.76 31.03 -10.35
C LEU B 76 9.80 31.26 -11.50
N GLU B 77 9.47 32.53 -11.75
CA GLU B 77 8.60 32.89 -12.85
C GLU B 77 9.40 32.95 -14.15
N ILE B 78 9.00 32.15 -15.12
CA ILE B 78 9.62 32.12 -16.45
C ILE B 78 8.59 32.64 -17.45
N PRO B 79 8.95 33.57 -18.32
CA PRO B 79 8.01 34.01 -19.36
C PRO B 79 7.63 32.86 -20.28
N VAL B 80 6.35 32.84 -20.67
CA VAL B 80 5.84 31.74 -21.48
C VAL B 80 6.53 31.71 -22.85
N GLU B 81 6.67 32.88 -23.47
CA GLU B 81 7.28 32.94 -24.80
C GLU B 81 8.75 32.54 -24.76
N THR B 82 9.42 32.77 -23.63
CA THR B 82 10.81 32.31 -23.49
C THR B 82 10.89 30.80 -23.64
N LEU B 83 10.07 30.07 -22.87
CA LEU B 83 10.06 28.61 -22.96
C LEU B 83 9.59 28.14 -24.34
N LYS B 84 8.59 28.83 -24.90
CA LYS B 84 8.12 28.49 -26.24
C LYS B 84 9.24 28.55 -27.27
N GLN B 85 9.96 29.69 -27.30
CA GLN B 85 11.01 29.86 -28.30
C GLN B 85 12.24 29.02 -27.98
N GLN B 86 12.44 28.62 -26.73
CA GLN B 86 13.55 27.73 -26.43
C GLN B 86 13.24 26.29 -26.80
N TYR B 87 11.97 25.90 -26.77
CA TYR B 87 11.60 24.57 -27.28
C TYR B 87 11.57 24.55 -28.81
N GLU B 88 11.01 25.58 -29.44
CA GLU B 88 10.94 25.60 -30.90
C GLU B 88 12.33 25.61 -31.53
N GLY B 89 13.32 26.14 -30.83
CA GLY B 89 14.69 26.18 -31.31
C GLY B 89 15.58 25.08 -30.80
N ALA B 90 15.02 24.04 -30.20
CA ALA B 90 15.79 22.88 -29.73
C ALA B 90 16.13 21.97 -30.90
N PRO B 91 17.17 21.14 -30.76
CA PRO B 91 17.46 20.15 -31.80
C PRO B 91 16.27 19.22 -32.04
N GLN B 92 16.14 18.76 -33.28
CA GLN B 92 14.92 18.08 -33.72
C GLN B 92 14.60 16.87 -32.85
N MET B 93 15.62 16.08 -32.50
CA MET B 93 15.38 14.87 -31.71
C MET B 93 14.93 15.22 -30.30
N LEU B 94 15.51 16.26 -29.69
CA LEU B 94 15.05 16.68 -28.38
C LEU B 94 13.63 17.23 -28.46
N LYS B 95 13.29 17.90 -29.55
CA LYS B 95 11.92 18.37 -29.75
C LYS B 95 10.95 17.20 -29.80
N VAL B 96 11.30 16.16 -30.57
CA VAL B 96 10.42 14.99 -30.67
C VAL B 96 10.28 14.33 -29.31
N ILE B 97 11.40 14.18 -28.59
CA ILE B 97 11.36 13.55 -27.27
C ILE B 97 10.48 14.34 -26.32
N ILE B 98 10.60 15.68 -26.33
CA ILE B 98 9.86 16.50 -25.39
C ILE B 98 8.38 16.48 -25.72
N LYS B 99 8.03 16.61 -27.01
CA LYS B 99 6.64 16.51 -27.41
C LYS B 99 6.05 15.16 -27.02
N SER B 100 6.80 14.07 -27.24
CA SER B 100 6.33 12.74 -26.88
C SER B 100 6.10 12.62 -25.37
N LEU B 101 7.10 13.05 -24.58
CA LEU B 101 6.98 12.98 -23.13
C LEU B 101 5.77 13.75 -22.65
N ALA B 102 5.60 14.99 -23.11
CA ALA B 102 4.50 15.82 -22.64
C ALA B 102 3.15 15.25 -23.07
N ASP B 103 3.13 14.67 -24.24
CA ASP B 103 1.92 14.10 -24.76
C ASP B 103 1.48 12.89 -23.96
N ARG B 104 2.42 12.03 -23.66
CA ARG B 104 2.15 10.84 -22.86
C ARG B 104 1.77 11.22 -21.44
N LEU B 105 2.41 12.26 -20.89
CA LEU B 105 2.04 12.73 -19.56
C LEU B 105 0.62 13.27 -19.55
N ARG B 106 0.22 13.84 -20.66
CA ARG B 106 -1.11 14.36 -20.79
C ARG B 106 -2.07 13.21 -20.72
N LEU B 107 -1.86 12.22 -21.57
CA LEU B 107 -2.73 11.04 -21.60
C LEU B 107 -2.83 10.38 -20.22
N ALA B 108 -1.69 10.21 -19.56
CA ALA B 108 -1.70 9.58 -18.25
C ALA B 108 -2.46 10.43 -17.23
N MET B 109 -2.40 11.74 -17.38
CA MET B 109 -3.13 12.61 -16.48
C MET B 109 -4.61 12.42 -16.72
N ASN B 110 -4.96 12.08 -17.95
CA ASN B 110 -6.35 11.88 -18.33
C ASN B 110 -6.95 10.68 -17.64
N ASP B 111 -6.31 9.52 -17.80
CA ASP B 111 -6.78 8.28 -17.19
C ASP B 111 -6.81 8.41 -15.67
N VAL B 112 -5.81 9.08 -15.12
CA VAL B 112 -5.72 9.26 -13.67
C VAL B 112 -6.97 9.95 -13.12
N ARG B 113 -7.31 11.10 -13.70
CA ARG B 113 -8.46 11.88 -13.27
C ARG B 113 -9.77 11.12 -13.49
N SER B 114 -9.84 10.36 -14.58
CA SER B 114 -11.03 9.60 -14.90
C SER B 114 -11.17 8.37 -14.02
N SER B 115 -10.05 7.88 -13.50
CA SER B 115 -10.04 6.72 -12.63
C SER B 115 -10.31 7.10 -11.18
N LYS B 116 -9.56 8.08 -10.68
CA LYS B 116 -9.72 8.53 -9.31
C LYS B 116 -11.17 8.93 -9.02
N MET B 117 -11.91 9.24 -10.08
CA MET B 117 -13.30 9.63 -9.96
C MET B 117 -14.25 8.54 -10.45
N GLU B 118 -13.68 7.49 -11.04
CA GLU B 118 -14.46 6.37 -11.52
C GLU B 118 -15.05 5.64 -10.30
N LYS B 119 -14.24 5.53 -9.25
CA LYS B 119 -14.66 4.88 -8.02
C LYS B 119 -14.31 5.74 -6.81
N ASP B 120 -14.48 5.16 -5.62
CA ASP B 120 -14.18 5.86 -4.37
C ASP B 120 -14.82 7.25 -4.27
N SER B 121 -16.15 7.29 -4.30
CA SER B 121 -16.88 8.55 -4.23
C SER B 121 -16.45 9.37 -3.01
N SER B 122 -15.83 8.72 -2.03
CA SER B 122 -15.37 9.41 -0.82
C SER B 122 -14.00 8.98 -0.29
N PRO B 123 -13.33 9.89 0.43
CA PRO B 123 -11.99 9.59 0.96
C PRO B 123 -12.00 8.36 1.85
N CYS B 124 -12.72 8.47 2.97
CA CYS B 124 -12.83 7.39 3.94
C CYS B 124 -14.25 6.87 3.95
N PRO B 125 -14.50 5.85 3.13
CA PRO B 125 -15.80 5.21 2.97
C PRO B 125 -16.22 4.49 4.24
N GLU B 126 -17.52 4.34 4.44
CA GLU B 126 -17.99 3.68 5.64
C GLU B 126 -17.46 2.25 5.79
N ASP B 127 -17.13 1.60 4.68
CA ASP B 127 -16.64 0.24 4.76
C ASP B 127 -15.10 0.09 4.96
N GLN B 128 -14.45 1.19 5.34
CA GLN B 128 -12.98 1.18 5.43
C GLN B 128 -12.42 1.76 6.73
N VAL B 129 -13.30 2.37 7.51
CA VAL B 129 -12.96 2.97 8.80
C VAL B 129 -12.28 1.97 9.72
N ALA B 130 -13.01 0.91 10.06
CA ALA B 130 -12.47 -0.12 10.92
C ALA B 130 -11.19 -0.68 10.34
N LYS B 131 -11.28 -1.11 9.09
CA LYS B 131 -10.17 -1.67 8.35
C LYS B 131 -8.92 -0.79 8.46
N VAL B 132 -9.06 0.47 8.04
CA VAL B 132 -7.91 1.38 8.03
C VAL B 132 -7.22 1.37 9.38
N TYR B 133 -7.94 1.77 10.42
CA TYR B 133 -7.30 1.87 11.74
C TYR B 133 -6.78 0.51 12.18
N GLY B 134 -7.53 -0.56 11.87
CA GLY B 134 -7.08 -1.91 12.15
C GLY B 134 -5.65 -2.06 11.69
N ALA B 135 -5.43 -1.81 10.40
CA ALA B 135 -4.09 -1.83 9.83
C ALA B 135 -3.12 -1.13 10.76
N VAL B 136 -3.36 0.18 10.96
CA VAL B 136 -2.48 0.99 11.83
C VAL B 136 -2.18 0.24 13.11
N PHE B 137 -3.24 -0.10 13.85
CA PHE B 137 -3.08 -0.79 15.13
C PHE B 137 -2.12 -1.97 14.98
N HIS B 138 -2.49 -2.94 14.14
CA HIS B 138 -1.73 -4.17 14.09
C HIS B 138 -0.28 -3.90 13.71
N THR B 139 -0.06 -2.95 12.79
CA THR B 139 1.30 -2.61 12.42
C THR B 139 2.08 -2.17 13.65
N ALA B 140 1.58 -1.14 14.34
CA ALA B 140 2.27 -0.66 15.53
C ALA B 140 2.30 -1.73 16.61
N ASN B 141 1.38 -2.69 16.58
CA ASN B 141 1.34 -3.71 17.60
C ASN B 141 2.32 -4.84 17.34
N HIS B 142 2.88 -4.91 16.13
CA HIS B 142 3.72 -6.04 15.76
C HIS B 142 5.13 -5.64 15.34
N LYS B 143 5.31 -4.43 14.80
CA LYS B 143 6.61 -4.00 14.30
C LYS B 143 7.17 -2.81 15.06
N GLY B 144 6.55 -2.40 16.17
CA GLY B 144 6.92 -1.18 16.86
C GLY B 144 7.82 -1.41 18.05
N ASP B 145 8.71 -0.43 18.30
CA ASP B 145 9.54 -0.43 19.49
C ASP B 145 8.68 -0.17 20.72
N ARG B 146 8.73 -1.09 21.69
CA ARG B 146 7.84 -1.04 22.83
C ARG B 146 8.55 -0.89 24.17
N SER B 147 9.86 -0.67 24.17
CA SER B 147 10.63 -0.74 25.40
C SER B 147 10.57 0.57 26.17
N GLN B 148 9.58 1.38 25.85
CA GLN B 148 9.41 2.69 26.44
C GLN B 148 8.25 2.63 27.43
N ALA B 149 7.99 3.78 28.04
CA ALA B 149 6.98 3.94 29.08
C ALA B 149 5.61 3.99 28.40
N GLY B 150 5.28 2.95 27.66
CA GLY B 150 3.92 2.73 27.19
C GLY B 150 3.64 3.26 25.80
N ARG B 151 4.57 3.99 25.20
CA ARG B 151 4.43 4.49 23.84
C ARG B 151 5.15 3.56 22.87
N VAL B 152 4.60 3.43 21.68
CA VAL B 152 5.12 2.55 20.65
C VAL B 152 5.67 3.40 19.51
N ILE B 153 6.96 3.27 19.22
CA ILE B 153 7.61 4.04 18.18
C ILE B 153 7.70 3.19 16.92
N VAL B 154 7.34 3.79 15.79
CA VAL B 154 7.38 3.10 14.50
C VAL B 154 8.05 4.00 13.47
N ASP B 155 9.04 3.47 12.75
CA ASP B 155 9.65 4.23 11.68
C ASP B 155 8.61 4.54 10.62
N TRP B 156 8.62 5.80 10.14
CA TRP B 156 7.59 6.25 9.21
C TRP B 156 7.58 5.42 7.93
N ASN B 157 8.76 5.24 7.32
CA ASN B 157 8.86 4.41 6.13
C ASN B 157 8.53 2.96 6.44
N MET B 158 8.96 2.47 7.61
CA MET B 158 8.68 1.09 8.01
C MET B 158 7.21 0.84 8.25
N MET B 159 6.39 1.90 8.27
CA MET B 159 4.93 1.76 8.30
C MET B 159 4.29 2.04 6.96
N LYS B 160 4.76 3.06 6.22
CA LYS B 160 4.29 3.27 4.87
C LYS B 160 4.47 2.01 4.03
N GLN B 161 5.54 1.25 4.28
CA GLN B 161 5.67 -0.08 3.68
C GLN B 161 4.58 -1.00 4.21
N TYR B 162 4.66 -1.34 5.50
CA TYR B 162 3.88 -2.45 6.05
C TYR B 162 2.38 -2.27 5.80
N CYS B 163 1.85 -1.08 6.07
CA CYS B 163 0.42 -0.85 5.90
C CYS B 163 -0.01 -0.91 4.44
N GLN B 164 0.91 -0.76 3.51
CA GLN B 164 0.60 -0.82 2.09
C GLN B 164 0.82 -2.19 1.47
N ARG B 165 1.80 -2.95 1.96
CA ARG B 165 2.10 -4.29 1.45
C ARG B 165 1.28 -5.36 2.17
N VAL B 166 1.36 -5.40 3.50
CA VAL B 166 0.73 -6.47 4.26
C VAL B 166 -0.71 -6.15 4.62
N MET B 167 -1.04 -4.87 4.80
CA MET B 167 -2.39 -4.48 5.18
C MET B 167 -3.23 -3.99 4.01
N GLY B 168 -2.60 -3.58 2.91
CA GLY B 168 -3.34 -3.12 1.73
C GLY B 168 -4.06 -1.81 1.95
N ASP B 169 -3.30 -0.77 2.29
CA ASP B 169 -3.87 0.52 2.61
C ASP B 169 -2.98 1.62 2.05
N SER B 170 -3.60 2.61 1.42
CA SER B 170 -2.84 3.72 0.84
C SER B 170 -2.08 4.44 1.94
N PRO B 171 -0.79 4.75 1.74
CA PRO B 171 -0.06 5.52 2.75
C PRO B 171 -0.64 6.91 2.98
N LYS B 172 -1.38 7.45 2.01
CA LYS B 172 -2.04 8.74 2.20
C LYS B 172 -3.16 8.63 3.23
N ARG B 173 -4.04 7.64 3.08
CA ARG B 173 -5.08 7.41 4.07
C ARG B 173 -4.50 7.07 5.43
N ILE B 174 -3.40 6.30 5.45
CA ILE B 174 -2.72 5.96 6.70
C ILE B 174 -2.23 7.23 7.40
N GLU B 175 -1.57 8.11 6.63
CA GLU B 175 -1.08 9.36 7.21
C GLU B 175 -2.23 10.22 7.71
N GLN B 176 -3.36 10.22 6.99
CA GLN B 176 -4.49 11.03 7.44
C GLN B 176 -5.11 10.47 8.72
N ALA B 177 -5.18 9.15 8.85
CA ALA B 177 -5.72 8.56 10.07
C ALA B 177 -4.81 8.84 11.27
N ILE B 178 -3.50 8.69 11.08
CA ILE B 178 -2.58 9.02 12.17
C ILE B 178 -2.59 10.53 12.43
N ASN B 179 -2.92 11.34 11.41
CA ASN B 179 -3.10 12.77 11.62
C ASN B 179 -4.29 13.04 12.53
N ILE B 180 -5.40 12.34 12.30
CA ILE B 180 -6.52 12.42 13.24
C ILE B 180 -6.06 12.04 14.64
N LEU B 181 -5.28 10.97 14.75
CA LEU B 181 -4.80 10.53 16.05
C LEU B 181 -4.00 11.62 16.75
N VAL B 182 -3.05 12.24 16.04
CA VAL B 182 -2.23 13.27 16.67
C VAL B 182 -3.07 14.52 16.96
N LYS B 183 -4.08 14.80 16.13
CA LYS B 183 -4.95 15.93 16.38
C LYS B 183 -5.77 15.73 17.64
N LEU B 184 -6.06 14.49 17.99
CA LEU B 184 -6.72 14.19 19.26
C LEU B 184 -5.73 13.85 20.37
N LYS B 185 -4.49 14.33 20.25
CA LYS B 185 -3.38 14.00 21.16
C LYS B 185 -3.32 12.54 21.60
N LEU B 186 -3.60 11.65 20.64
CA LEU B 186 -3.41 10.23 20.83
C LEU B 186 -2.10 9.72 20.25
N ALA B 187 -1.44 10.53 19.42
CA ALA B 187 -0.20 10.12 18.77
C ALA B 187 0.68 11.34 18.58
N LEU B 188 1.95 11.10 18.24
CA LEU B 188 2.94 12.13 18.05
C LEU B 188 3.78 11.84 16.82
N TYR B 189 4.46 12.86 16.32
CA TYR B 189 5.28 12.77 15.11
C TYR B 189 6.70 13.23 15.42
N GLU B 190 7.64 12.30 15.39
CA GLU B 190 9.05 12.65 15.45
C GLU B 190 9.53 13.01 14.06
N MET B 191 10.19 14.17 13.93
CA MET B 191 10.55 14.70 12.62
C MET B 191 12.03 15.07 12.60
N GLY B 192 12.49 15.51 11.42
CA GLY B 192 13.87 15.92 11.24
C GLY B 192 14.24 15.77 9.78
N LYS B 193 15.48 15.38 9.52
CA LYS B 193 15.99 15.20 8.16
C LYS B 193 15.71 16.40 7.28
N GLY B 200 18.39 19.53 3.86
CA GLY B 200 17.61 20.55 3.20
C GLY B 200 16.17 20.55 3.64
N PRO B 201 15.43 19.48 3.31
CA PRO B 201 14.02 19.32 3.66
C PRO B 201 13.79 18.81 5.08
N GLU B 202 12.54 18.85 5.52
CA GLU B 202 12.15 18.38 6.84
C GLU B 202 11.04 17.37 6.70
N GLU B 203 11.31 16.13 7.08
CA GLU B 203 10.34 15.05 6.93
C GLU B 203 10.16 14.33 8.26
N ILE B 204 9.06 13.58 8.36
CA ILE B 204 8.81 12.75 9.53
C ILE B 204 9.75 11.55 9.50
N GLN B 205 10.40 11.27 10.62
CA GLN B 205 11.23 10.08 10.76
C GLN B 205 10.53 8.95 11.47
N LYS B 206 9.83 9.22 12.57
CA LYS B 206 9.14 8.19 13.34
C LYS B 206 7.76 8.71 13.75
N VAL B 207 6.95 7.80 14.27
CA VAL B 207 5.64 8.13 14.82
C VAL B 207 5.51 7.45 16.18
N HIS B 208 5.07 8.21 17.18
CA HIS B 208 4.88 7.71 18.53
C HIS B 208 3.39 7.51 18.78
N PHE B 209 3.01 6.31 19.19
CA PHE B 209 1.64 6.02 19.57
C PHE B 209 1.58 5.94 21.09
N LEU B 210 0.93 6.92 21.71
CA LEU B 210 0.82 6.97 23.17
C LEU B 210 -0.07 5.85 23.66
N ASP B 211 -1.08 5.47 22.89
CA ASP B 211 -2.11 4.55 23.38
C ASP B 211 -2.63 3.83 22.15
N LEU B 212 -2.40 2.53 22.04
CA LEU B 212 -3.02 1.72 21.03
C LEU B 212 -4.35 1.16 21.44
N GLY B 213 -4.54 0.99 22.73
CA GLY B 213 -5.76 0.43 23.27
C GLY B 213 -6.95 1.18 22.76
N LEU B 214 -6.91 2.49 22.89
CA LEU B 214 -8.01 3.31 22.39
C LEU B 214 -8.25 3.07 20.90
N VAL B 215 -7.17 2.86 20.14
CA VAL B 215 -7.32 2.57 18.72
C VAL B 215 -8.06 1.26 18.51
N GLU B 216 -7.68 0.23 19.26
CA GLU B 216 -8.38 -1.04 19.14
C GLU B 216 -9.82 -0.93 19.60
N SER B 217 -10.06 -0.23 20.72
CA SER B 217 -11.41 0.00 21.19
C SER B 217 -12.25 0.68 20.11
N PHE B 218 -11.68 1.70 19.45
CA PHE B 218 -12.43 2.43 18.44
C PHE B 218 -12.76 1.55 17.24
N PHE B 219 -11.79 0.82 16.71
CA PHE B 219 -12.10 0.07 15.50
C PHE B 219 -12.97 -1.14 15.82
N GLU B 220 -12.84 -1.72 17.02
CA GLU B 220 -13.76 -2.78 17.43
C GLU B 220 -15.19 -2.25 17.56
N PHE B 221 -15.35 -1.08 18.16
CA PHE B 221 -16.67 -0.48 18.30
C PHE B 221 -17.28 -0.14 16.94
N TYR B 222 -16.47 0.44 16.04
CA TYR B 222 -16.96 0.78 14.72
C TYR B 222 -17.37 -0.47 13.94
N GLN B 223 -16.52 -1.49 13.95
CA GLN B 223 -16.85 -2.72 13.23
C GLN B 223 -18.01 -3.47 13.89
N TYR B 224 -18.23 -3.27 15.19
CA TYR B 224 -19.36 -3.91 15.86
C TYR B 224 -20.67 -3.27 15.44
N TYR B 225 -20.73 -1.95 15.43
CA TYR B 225 -22.00 -1.32 15.09
C TYR B 225 -22.24 -1.23 13.58
N TYR B 226 -21.18 -1.04 12.80
CA TYR B 226 -21.34 -0.87 11.36
C TYR B 226 -21.70 -2.10 10.53
N PHE B 227 -21.28 -3.26 11.00
CA PHE B 227 -21.51 -4.51 10.28
C PHE B 227 -22.55 -5.33 11.05
N LYS B 228 -23.82 -5.13 10.69
CA LYS B 228 -24.91 -5.89 11.30
C LYS B 228 -26.20 -5.73 10.51
N SER B 232 -25.71 2.80 11.10
CA SER B 232 -26.45 2.73 12.35
C SER B 232 -26.86 4.12 12.84
N ASP B 233 -27.58 4.16 13.95
CA ASP B 233 -27.99 5.42 14.57
C ASP B 233 -26.96 5.96 15.55
N LEU B 234 -25.97 5.15 15.93
CA LEU B 234 -24.91 5.59 16.82
C LEU B 234 -23.74 6.19 16.06
N LEU B 235 -23.41 5.63 14.90
CA LEU B 235 -22.23 6.11 14.17
C LEU B 235 -22.47 7.45 13.50
N LYS B 236 -23.72 7.88 13.37
CA LYS B 236 -24.02 9.27 13.00
C LYS B 236 -23.85 10.12 14.26
N VAL B 237 -22.84 10.97 14.27
CA VAL B 237 -22.53 11.78 15.45
C VAL B 237 -23.31 13.09 15.36
N ASP B 238 -24.26 13.27 16.26
CA ASP B 238 -25.02 14.52 16.33
C ASP B 238 -24.23 15.54 17.14
N GLU B 239 -24.06 16.73 16.58
CA GLU B 239 -23.26 17.76 17.23
C GLU B 239 -23.89 18.21 18.54
N LEU B 240 -25.22 18.30 18.58
CA LEU B 240 -25.90 18.68 19.81
C LEU B 240 -25.67 17.64 20.91
N CYS B 241 -25.74 16.36 20.57
CA CYS B 241 -25.50 15.31 21.55
C CYS B 241 -24.07 15.36 22.05
N MET B 242 -23.10 15.59 21.16
CA MET B 242 -21.71 15.71 21.58
C MET B 242 -21.52 16.90 22.52
N GLN B 243 -22.16 18.02 22.18
CA GLN B 243 -22.08 19.23 22.99
C GLN B 243 -22.61 18.96 24.39
N MET B 244 -23.70 18.18 24.46
CA MET B 244 -24.32 17.84 25.73
C MET B 244 -23.45 16.87 26.52
N LEU B 245 -22.86 15.90 25.81
CA LEU B 245 -22.01 14.91 26.45
C LEU B 245 -20.75 15.55 27.02
N GLY B 246 -20.22 16.54 26.30
CA GLY B 246 -19.03 17.24 26.73
C GLY B 246 -19.33 18.23 27.84
N ALA B 247 -20.58 18.69 27.90
CA ALA B 247 -21.00 19.64 28.91
C ALA B 247 -21.21 18.95 30.25
N ILE B 248 -21.78 17.75 30.21
CA ILE B 248 -22.03 16.98 31.43
C ILE B 248 -20.74 16.32 31.91
N LEU B 249 -19.80 16.10 31.02
CA LEU B 249 -18.56 15.45 31.43
C LEU B 249 -17.73 16.39 32.28
N LYS B 250 -17.81 17.68 31.96
CA LYS B 250 -17.06 18.68 32.70
C LYS B 250 -17.76 18.91 34.04
N LEU B 251 -19.08 18.80 34.02
CA LEU B 251 -19.89 18.99 35.22
C LEU B 251 -19.61 17.88 36.22
N SER B 252 -19.48 16.66 35.72
CA SER B 252 -19.21 15.51 36.57
C SER B 252 -17.72 15.28 36.81
N GLU B 253 -16.88 16.29 36.59
CA GLU B 253 -15.44 16.09 36.68
C GLU B 253 -14.97 16.03 38.13
N ASN B 254 -15.65 16.73 39.04
CA ASN B 254 -15.23 16.80 40.44
C ASN B 254 -15.89 15.77 41.33
N GLU B 255 -17.06 15.25 40.95
CA GLU B 255 -17.81 14.36 41.83
C GLU B 255 -17.02 13.08 42.11
N GLN B 256 -17.37 12.45 43.23
CA GLN B 256 -16.59 11.32 43.73
C GLN B 256 -16.95 10.05 42.96
N PRO B 257 -15.96 9.34 42.42
CA PRO B 257 -16.26 8.05 41.77
C PRO B 257 -16.71 7.01 42.78
N ASP B 258 -17.82 6.36 42.48
CA ASP B 258 -18.40 5.37 43.38
C ASP B 258 -17.64 4.05 43.29
N ARG B 259 -18.10 3.07 44.06
CA ARG B 259 -17.47 1.76 44.06
C ARG B 259 -17.66 1.05 42.72
N PHE B 260 -18.87 1.12 42.19
CA PHE B 260 -19.15 0.63 40.85
C PHE B 260 -18.76 1.68 39.80
N GLY B 261 -18.48 2.88 40.28
CA GLY B 261 -18.09 3.99 39.41
C GLY B 261 -19.27 4.73 38.81
N ILE B 262 -20.21 5.16 39.63
CA ILE B 262 -21.39 5.89 39.18
C ILE B 262 -21.35 7.29 39.79
N VAL B 263 -21.17 8.29 38.94
CA VAL B 263 -21.16 9.69 39.38
C VAL B 263 -22.46 10.33 38.93
N GLY B 264 -23.14 10.99 39.87
CA GLY B 264 -24.39 11.66 39.59
C GLY B 264 -24.21 13.16 39.40
N VAL B 265 -25.20 13.78 38.76
CA VAL B 265 -25.22 15.21 38.51
C VAL B 265 -26.60 15.74 38.83
N ASP B 266 -26.67 16.76 39.67
CA ASP B 266 -27.95 17.39 39.99
C ASP B 266 -28.54 18.05 38.74
N PHE B 267 -29.86 17.90 38.59
CA PHE B 267 -30.54 18.42 37.40
C PHE B 267 -30.53 19.94 37.34
N ALA B 268 -30.42 20.63 38.47
CA ALA B 268 -30.46 22.09 38.46
C ALA B 268 -29.33 22.68 37.63
N LYS B 269 -28.10 22.36 38.01
CA LYS B 269 -26.92 22.86 37.32
C LYS B 269 -26.94 22.45 35.85
N PHE B 270 -27.35 21.21 35.59
CA PHE B 270 -27.39 20.73 34.22
C PHE B 270 -28.34 21.57 33.37
N SER B 271 -29.57 21.72 33.84
CA SER B 271 -30.56 22.52 33.11
C SER B 271 -30.01 23.91 32.82
N GLU B 272 -29.36 24.51 33.82
CA GLU B 272 -28.78 25.84 33.66
C GLU B 272 -27.68 25.86 32.61
N PHE B 273 -26.78 24.87 32.67
CA PHE B 273 -25.68 24.78 31.72
C PHE B 273 -26.18 24.64 30.28
N CYS B 274 -27.18 23.77 30.08
CA CYS B 274 -27.73 23.55 28.76
C CYS B 274 -28.20 24.86 28.13
N LYS B 275 -28.66 25.78 28.96
CA LYS B 275 -29.14 27.08 28.50
C LYS B 275 -27.95 27.94 28.07
N GLU B 276 -26.82 27.63 28.70
CA GLU B 276 -25.52 28.31 28.55
C GLU B 276 -25.56 29.78 28.16
N ILE B 280 -31.55 23.89 23.59
CA ILE B 280 -31.69 25.14 24.35
C ILE B 280 -32.35 24.88 25.69
N ASN B 281 -33.64 24.56 25.67
CA ASN B 281 -34.40 24.26 26.88
C ASN B 281 -34.58 22.76 26.99
N LEU B 282 -33.97 22.16 28.01
CA LEU B 282 -33.96 20.72 28.16
C LEU B 282 -35.37 20.19 28.39
N ASN B 283 -35.70 19.10 27.69
CA ASN B 283 -36.91 18.32 27.95
C ASN B 283 -36.57 16.86 27.72
N ASN B 284 -37.60 16.00 27.76
CA ASN B 284 -37.36 14.57 27.58
C ASN B 284 -37.02 14.21 26.14
N ASP B 285 -37.30 15.09 25.18
CA ASP B 285 -36.95 14.81 23.80
C ASP B 285 -35.44 14.87 23.58
N HIS B 286 -34.76 15.81 24.25
CA HIS B 286 -33.31 15.81 24.19
C HIS B 286 -32.74 14.55 24.82
N PHE B 287 -33.34 14.10 25.93
CA PHE B 287 -32.96 12.82 26.52
C PHE B 287 -33.13 11.68 25.53
N ALA B 288 -34.25 11.64 24.81
CA ALA B 288 -34.49 10.54 23.89
C ALA B 288 -33.53 10.58 22.71
N ARG B 289 -33.30 11.77 22.15
CA ARG B 289 -32.30 11.92 21.10
C ARG B 289 -30.93 11.48 21.59
N LEU B 290 -30.63 11.74 22.86
CA LEU B 290 -29.36 11.28 23.44
C LEU B 290 -29.34 9.76 23.57
N GLU B 291 -30.48 9.15 23.87
CA GLU B 291 -30.55 7.70 24.04
C GLU B 291 -30.16 6.97 22.76
N GLY B 292 -30.72 7.39 21.63
CA GLY B 292 -30.42 6.74 20.36
C GLY B 292 -28.97 6.85 19.96
N LYS B 293 -28.21 7.71 20.62
CA LYS B 293 -26.79 7.86 20.35
C LYS B 293 -25.92 7.00 21.25
N GLY B 294 -26.52 6.22 22.14
CA GLY B 294 -25.82 5.25 22.96
C GLY B 294 -25.74 5.60 24.43
N VAL B 295 -25.71 6.88 24.76
CA VAL B 295 -25.56 7.32 26.14
C VAL B 295 -26.90 7.17 26.86
N PHE B 296 -26.88 6.44 27.97
CA PHE B 296 -28.07 6.20 28.78
C PHE B 296 -27.89 6.84 30.15
N MET B 297 -29.00 7.36 30.67
CA MET B 297 -28.98 8.16 31.90
C MET B 297 -29.78 7.44 32.98
N LYS B 298 -29.11 7.08 34.07
CA LYS B 298 -29.76 6.43 35.19
C LYS B 298 -30.38 7.52 36.07
N ARG B 299 -31.66 7.79 35.88
CA ARG B 299 -32.34 8.82 36.66
C ARG B 299 -32.69 8.28 38.04
N LYS B 300 -32.33 9.05 39.07
CA LYS B 300 -32.65 8.68 40.46
C LYS B 300 -33.23 9.91 41.15
N ASN B 301 -34.02 9.67 42.19
CA ASN B 301 -34.65 10.74 42.96
C ASN B 301 -34.07 10.75 44.38
N ALA B 302 -33.52 11.90 44.78
CA ALA B 302 -33.01 12.12 46.11
C ALA B 302 -33.57 13.43 46.64
N GLY B 303 -33.12 13.82 47.83
CA GLY B 303 -33.63 15.03 48.45
C GLY B 303 -33.40 16.28 47.61
N SER B 304 -32.31 16.31 46.85
CA SER B 304 -32.00 17.44 45.99
C SER B 304 -32.76 17.43 44.67
N GLY B 305 -33.67 16.48 44.47
CA GLY B 305 -34.38 16.38 43.21
C GLY B 305 -33.95 15.17 42.41
N VAL B 306 -34.01 15.28 41.08
CA VAL B 306 -33.61 14.18 40.21
C VAL B 306 -32.12 14.34 39.88
N VAL B 307 -31.38 13.25 39.98
CA VAL B 307 -29.95 13.21 39.70
C VAL B 307 -29.71 12.19 38.60
N LEU B 308 -28.87 12.56 37.64
CA LEU B 308 -28.60 11.75 36.45
C LEU B 308 -27.30 10.98 36.68
N GLN B 309 -27.43 9.81 37.30
CA GLN B 309 -26.28 8.96 37.57
C GLN B 309 -25.83 8.22 36.31
N PHE B 310 -24.52 8.04 36.19
CA PHE B 310 -23.93 7.34 35.05
C PHE B 310 -22.52 6.88 35.43
N GLU B 311 -22.00 5.95 34.64
CA GLU B 311 -20.63 5.49 34.80
C GLU B 311 -19.70 6.33 33.92
N VAL B 312 -18.59 6.78 34.51
CA VAL B 312 -17.66 7.64 33.78
C VAL B 312 -16.84 6.83 32.79
N LYS B 313 -16.46 5.60 33.15
CA LYS B 313 -15.74 4.71 32.25
C LYS B 313 -16.50 4.49 30.94
N GLU B 314 -17.80 4.74 30.93
CA GLU B 314 -18.63 4.60 29.75
C GLU B 314 -18.71 5.90 28.97
N PHE B 315 -19.05 7.00 29.65
CA PHE B 315 -19.28 8.27 28.97
C PHE B 315 -18.00 8.87 28.43
N ARG B 316 -16.87 8.68 29.11
CA ARG B 316 -15.61 9.17 28.58
C ARG B 316 -15.23 8.46 27.28
N SER B 317 -15.36 7.13 27.27
CA SER B 317 -15.07 6.37 26.06
C SER B 317 -16.03 6.76 24.94
N ILE B 318 -17.30 6.99 25.27
CA ILE B 318 -18.25 7.39 24.24
C ILE B 318 -17.88 8.74 23.65
N LEU B 319 -17.50 9.70 24.50
CA LEU B 319 -17.10 11.01 23.98
C LEU B 319 -15.84 10.91 23.14
N GLN B 320 -14.96 9.98 23.48
CA GLN B 320 -13.76 9.83 22.71
C GLN B 320 -14.12 9.33 21.34
N SER B 321 -14.86 8.23 21.29
CA SER B 321 -15.24 7.69 19.99
C SER B 321 -16.04 8.70 19.17
N TRP B 322 -16.82 9.55 19.83
CA TRP B 322 -17.55 10.59 19.10
C TRP B 322 -16.60 11.62 18.51
N LYS B 323 -15.58 12.02 19.26
CA LYS B 323 -14.57 12.92 18.69
C LYS B 323 -13.86 12.27 17.52
N MET B 324 -13.61 10.96 17.62
CA MET B 324 -13.02 10.23 16.49
C MET B 324 -13.92 10.30 15.26
N LEU B 325 -15.21 10.00 15.42
CA LEU B 325 -16.13 10.04 14.30
C LEU B 325 -16.28 11.45 13.74
N ARG B 326 -16.25 12.46 14.61
CA ARG B 326 -16.33 13.84 14.15
C ARG B 326 -15.13 14.20 13.29
N GLU B 327 -13.93 13.77 13.71
CA GLU B 327 -12.75 14.03 12.89
C GLU B 327 -12.79 13.25 11.58
N ILE B 328 -13.38 12.05 11.58
CA ILE B 328 -13.51 11.30 10.33
C ILE B 328 -14.47 12.01 9.39
N GLU B 329 -15.55 12.59 9.94
CA GLU B 329 -16.46 13.37 9.11
C GLU B 329 -15.78 14.61 8.56
N LYS B 330 -14.96 15.28 9.38
CA LYS B 330 -14.16 16.40 8.89
C LYS B 330 -13.23 15.97 7.76
N TRP B 331 -12.66 14.76 7.89
CA TRP B 331 -11.80 14.22 6.84
C TRP B 331 -12.57 13.99 5.55
N ASN B 332 -13.80 13.47 5.66
CA ASN B 332 -14.55 13.14 4.46
C ASN B 332 -15.09 14.39 3.77
N GLU B 333 -15.58 15.36 4.55
CA GLU B 333 -16.18 16.56 3.95
C GLU B 333 -15.13 17.43 3.26
N LYS B 334 -13.90 17.46 3.76
CA LYS B 334 -12.87 18.33 3.23
C LYS B 334 -11.92 17.63 2.27
N GLY B 335 -11.56 16.38 2.55
CA GLY B 335 -10.63 15.62 1.74
C GLY B 335 -9.32 15.33 2.43
N PHE B 336 -9.02 16.02 3.53
CA PHE B 336 -7.78 15.81 4.27
C PHE B 336 -8.02 16.27 5.70
N VAL B 337 -6.99 16.12 6.53
CA VAL B 337 -7.06 16.43 7.96
C VAL B 337 -6.24 17.70 8.20
N ASP B 338 -6.91 18.74 8.68
CA ASP B 338 -6.26 20.00 9.03
C ASP B 338 -5.95 20.00 10.53
N MET B 339 -4.67 20.06 10.88
CA MET B 339 -4.22 20.02 12.26
C MET B 339 -3.87 21.38 12.84
N ASP B 340 -4.09 22.47 12.07
CA ASP B 340 -3.79 23.80 12.57
C ASP B 340 -4.82 24.26 13.59
N GLU B 341 -6.08 23.89 13.39
CA GLU B 341 -7.13 24.18 14.37
C GLU B 341 -7.47 22.94 15.19
#